data_8ULM
#
_entry.id   8ULM
#
_entity_poly.entity_id   1
_entity_poly.type   'polypeptide(L)'
_entity_poly.pdbx_seq_one_letter_code
;ATKPCQSDKDCKKFACRKPKVPKCINGFCKCVR
;
_entity_poly.pdbx_strand_id   A
#
# COMPACT_ATOMS: atom_id res chain seq x y z
N ALA A 1 1.29 0.30 14.75
CA ALA A 1 2.07 -0.83 14.17
C ALA A 1 2.31 -0.60 12.67
N THR A 2 3.06 -1.49 12.05
CA THR A 2 3.33 -1.43 10.63
C THR A 2 2.11 -1.88 9.83
N LYS A 3 2.12 -1.60 8.52
CA LYS A 3 1.03 -1.97 7.64
C LYS A 3 1.40 -3.23 6.84
N PRO A 4 0.79 -4.38 7.18
CA PRO A 4 0.98 -5.64 6.44
C PRO A 4 0.41 -5.61 5.02
N CYS A 5 0.19 -6.79 4.46
CA CYS A 5 -0.27 -6.94 3.07
C CYS A 5 -1.79 -7.07 2.97
N GLN A 6 -2.26 -7.19 1.71
CA GLN A 6 -3.67 -6.96 1.37
C GLN A 6 -3.97 -5.47 1.52
N SER A 7 -3.07 -4.67 0.93
CA SER A 7 -3.06 -3.21 1.05
C SER A 7 -4.45 -2.61 0.90
N ASP A 8 -5.26 -3.21 0.03
CA ASP A 8 -6.62 -2.73 -0.24
C ASP A 8 -7.42 -2.59 1.05
N LYS A 9 -7.51 -3.69 1.80
CA LYS A 9 -8.18 -3.68 3.10
C LYS A 9 -7.25 -3.11 4.18
N ASP A 10 -5.96 -3.35 4.01
CA ASP A 10 -4.98 -3.10 5.06
C ASP A 10 -4.78 -1.61 5.33
N CYS A 11 -4.38 -0.85 4.31
CA CYS A 11 -4.24 0.60 4.47
C CYS A 11 -5.56 1.27 4.04
N LYS A 12 -5.91 2.39 4.66
CA LYS A 12 -7.25 2.95 4.51
C LYS A 12 -7.52 3.55 3.11
N LYS A 13 -6.71 4.54 2.73
CA LYS A 13 -6.84 5.20 1.43
C LYS A 13 -5.50 5.20 0.68
N PHE A 14 -4.55 4.38 1.14
CA PHE A 14 -3.12 4.70 1.00
C PHE A 14 -2.80 5.34 -0.36
N ALA A 15 -2.72 6.67 -0.33
CA ALA A 15 -2.49 7.49 -1.52
C ALA A 15 -1.03 7.91 -1.61
N CYS A 16 -0.55 8.04 -2.83
CA CYS A 16 0.83 8.48 -3.08
C CYS A 16 0.92 9.27 -4.37
N ARG A 17 2.01 10.01 -4.53
CA ARG A 17 2.18 10.92 -5.67
C ARG A 17 2.25 10.16 -6.99
N LYS A 18 1.28 10.44 -7.86
CA LYS A 18 1.15 9.80 -9.16
C LYS A 18 2.43 9.96 -10.00
N PRO A 19 2.77 8.94 -10.83
CA PRO A 19 2.02 7.68 -10.92
C PRO A 19 2.40 6.75 -9.77
N LYS A 20 1.39 6.30 -9.01
CA LYS A 20 1.63 5.41 -7.88
C LYS A 20 0.29 4.98 -7.26
N VAL A 21 0.23 3.73 -6.80
CA VAL A 21 -0.98 3.14 -6.24
C VAL A 21 -0.65 2.22 -5.07
N PRO A 22 -1.60 2.03 -4.12
CA PRO A 22 -1.41 1.13 -2.97
C PRO A 22 -1.28 -0.34 -3.40
N LYS A 23 -0.12 -0.92 -3.13
CA LYS A 23 0.18 -2.30 -3.51
C LYS A 23 0.81 -3.03 -2.34
N CYS A 24 0.90 -4.35 -2.45
CA CYS A 24 1.53 -5.16 -1.42
C CYS A 24 2.99 -5.40 -1.75
N ILE A 25 3.83 -5.47 -0.72
CA ILE A 25 5.24 -5.82 -0.87
C ILE A 25 5.59 -6.94 0.11
N ASN A 26 5.49 -8.18 -0.38
CA ASN A 26 6.00 -9.36 0.33
C ASN A 26 5.48 -9.45 1.78
N GLY A 27 4.25 -8.99 2.00
CA GLY A 27 3.65 -9.10 3.32
C GLY A 27 3.30 -7.75 3.94
N PHE A 28 3.79 -6.67 3.31
CA PHE A 28 3.58 -5.29 3.77
C PHE A 28 2.73 -4.47 2.79
N CYS A 29 2.37 -3.25 3.19
CA CYS A 29 1.53 -2.35 2.39
C CYS A 29 2.32 -1.08 2.04
N LYS A 30 2.59 -0.91 0.76
CA LYS A 30 3.37 0.22 0.26
C LYS A 30 2.93 0.56 -1.16
N CYS A 31 3.13 1.80 -1.58
CA CYS A 31 2.62 2.25 -2.85
C CYS A 31 3.69 2.16 -3.92
N VAL A 32 3.33 1.58 -5.07
CA VAL A 32 4.25 1.39 -6.18
C VAL A 32 3.63 1.97 -7.44
N ARG A 33 4.48 2.51 -8.30
CA ARG A 33 4.04 3.09 -9.57
C ARG A 33 3.57 2.00 -10.54
N ALA A 1 1.58 -1.05 15.08
CA ALA A 1 2.52 -2.03 14.48
C ALA A 1 2.84 -1.66 13.04
N THR A 2 3.42 -2.60 12.31
CA THR A 2 3.77 -2.40 10.91
C THR A 2 2.52 -2.40 10.02
N LYS A 3 2.71 -2.11 8.74
CA LYS A 3 1.61 -2.06 7.77
C LYS A 3 1.65 -3.28 6.85
N PRO A 4 0.85 -4.32 7.15
CA PRO A 4 0.83 -5.59 6.39
C PRO A 4 0.20 -5.47 4.99
N CYS A 5 -0.10 -6.63 4.41
CA CYS A 5 -0.61 -6.73 3.03
C CYS A 5 -2.13 -6.78 2.97
N GLN A 6 -2.63 -6.84 1.73
CA GLN A 6 -4.02 -6.51 1.41
C GLN A 6 -4.18 -5.02 1.67
N SER A 7 -3.47 -4.23 0.86
CA SER A 7 -3.31 -2.80 1.07
C SER A 7 -4.64 -2.09 1.24
N ASP A 8 -5.66 -2.58 0.56
CA ASP A 8 -6.98 -2.01 0.61
C ASP A 8 -7.62 -2.27 1.96
N LYS A 9 -7.26 -3.40 2.56
CA LYS A 9 -7.72 -3.74 3.91
C LYS A 9 -6.89 -2.99 4.97
N ASP A 10 -5.56 -2.99 4.81
CA ASP A 10 -4.67 -2.44 5.83
C ASP A 10 -4.67 -0.92 5.82
N CYS A 11 -4.33 -0.31 4.69
CA CYS A 11 -4.29 1.14 4.66
C CYS A 11 -5.67 1.64 4.24
N LYS A 12 -6.11 2.80 4.74
CA LYS A 12 -7.51 3.20 4.53
C LYS A 12 -7.82 3.64 3.10
N LYS A 13 -7.12 4.67 2.65
CA LYS A 13 -7.24 5.21 1.30
C LYS A 13 -5.87 5.35 0.63
N PHE A 14 -4.91 4.51 1.05
CA PHE A 14 -3.48 4.84 0.94
C PHE A 14 -3.13 5.56 -0.37
N ALA A 15 -3.02 6.89 -0.25
CA ALA A 15 -2.71 7.76 -1.37
C ALA A 15 -1.24 8.14 -1.35
N CYS A 16 -0.67 8.32 -2.53
CA CYS A 16 0.74 8.62 -2.70
C CYS A 16 0.96 9.51 -3.92
N ARG A 17 2.15 10.10 -4.01
CA ARG A 17 2.47 11.03 -5.07
C ARG A 17 2.46 10.31 -6.42
N LYS A 18 1.38 10.55 -7.17
CA LYS A 18 1.19 9.96 -8.49
C LYS A 18 2.28 10.44 -9.46
N PRO A 19 2.62 9.65 -10.50
CA PRO A 19 1.98 8.35 -10.79
C PRO A 19 2.45 7.24 -9.85
N LYS A 20 1.53 6.75 -9.02
CA LYS A 20 1.86 5.71 -8.04
C LYS A 20 0.55 5.12 -7.49
N VAL A 21 0.60 3.87 -7.04
CA VAL A 21 -0.60 3.19 -6.53
C VAL A 21 -0.26 2.34 -5.30
N PRO A 22 -1.20 2.23 -4.33
CA PRO A 22 -1.01 1.43 -3.12
C PRO A 22 -1.05 -0.08 -3.40
N LYS A 23 0.12 -0.71 -3.36
CA LYS A 23 0.26 -2.13 -3.68
C LYS A 23 0.80 -2.91 -2.48
N CYS A 24 0.72 -4.23 -2.56
CA CYS A 24 1.28 -5.08 -1.53
C CYS A 24 2.70 -5.49 -1.88
N ILE A 25 3.59 -5.40 -0.89
CA ILE A 25 4.99 -5.78 -1.08
C ILE A 25 5.43 -6.70 0.06
N ASN A 26 5.68 -7.97 -0.28
CA ASN A 26 6.24 -8.95 0.67
C ASN A 26 5.42 -9.04 1.96
N GLY A 27 4.10 -8.85 1.85
CA GLY A 27 3.23 -8.99 3.00
C GLY A 27 2.93 -7.66 3.69
N PHE A 28 3.36 -6.56 3.05
CA PHE A 28 3.19 -5.19 3.56
C PHE A 28 2.34 -4.32 2.62
N CYS A 29 2.01 -3.10 3.06
CA CYS A 29 1.20 -2.14 2.28
C CYS A 29 2.05 -0.91 2.02
N LYS A 30 2.38 -0.69 0.74
CA LYS A 30 3.25 0.39 0.30
C LYS A 30 2.88 0.77 -1.14
N CYS A 31 3.15 2.00 -1.53
CA CYS A 31 2.78 2.46 -2.85
C CYS A 31 3.94 2.34 -3.83
N VAL A 32 3.67 1.74 -4.98
CA VAL A 32 4.70 1.47 -5.99
C VAL A 32 4.27 2.08 -7.33
N ARG A 33 5.25 2.35 -8.18
CA ARG A 33 4.99 2.92 -9.50
C ARG A 33 5.51 1.98 -10.58
N ALA A 1 4.32 1.74 12.94
CA ALA A 1 2.98 1.43 12.38
C ALA A 1 3.10 0.40 11.26
N THR A 2 2.69 -0.83 11.55
CA THR A 2 2.79 -1.93 10.60
C THR A 2 1.57 -1.97 9.67
N LYS A 3 1.79 -1.68 8.39
CA LYS A 3 0.76 -1.83 7.37
C LYS A 3 1.07 -3.10 6.57
N PRO A 4 0.38 -4.22 6.87
CA PRO A 4 0.59 -5.50 6.19
C PRO A 4 0.02 -5.53 4.76
N CYS A 5 -0.19 -6.75 4.26
CA CYS A 5 -0.63 -6.95 2.88
C CYS A 5 -2.14 -7.08 2.76
N GLN A 6 -2.60 -7.32 1.53
CA GLN A 6 -3.97 -7.05 1.14
C GLN A 6 -4.20 -5.56 1.32
N SER A 7 -3.21 -4.78 0.85
CA SER A 7 -3.17 -3.33 1.00
C SER A 7 -4.51 -2.69 0.61
N ASP A 8 -5.13 -3.27 -0.41
CA ASP A 8 -6.44 -2.83 -0.86
C ASP A 8 -7.42 -2.77 0.31
N LYS A 9 -7.44 -3.82 1.12
CA LYS A 9 -8.26 -3.86 2.32
C LYS A 9 -7.58 -3.09 3.46
N ASP A 10 -6.24 -3.17 3.52
CA ASP A 10 -5.51 -2.76 4.71
C ASP A 10 -5.40 -1.26 4.86
N CYS A 11 -4.84 -0.57 3.87
CA CYS A 11 -4.70 0.88 4.01
C CYS A 11 -5.97 1.52 3.46
N LYS A 12 -6.40 2.66 4.04
CA LYS A 12 -7.73 3.17 3.72
C LYS A 12 -7.84 3.75 2.30
N LYS A 13 -7.00 4.77 2.04
CA LYS A 13 -6.95 5.43 0.74
C LYS A 13 -5.51 5.52 0.21
N PHE A 14 -4.61 4.69 0.76
CA PHE A 14 -3.18 5.03 0.80
C PHE A 14 -2.71 5.71 -0.49
N ALA A 15 -2.62 7.05 -0.40
CA ALA A 15 -2.29 7.88 -1.53
C ALA A 15 -0.81 8.24 -1.55
N CYS A 16 -0.27 8.38 -2.74
CA CYS A 16 1.14 8.59 -2.98
C CYS A 16 1.33 9.44 -4.23
N ARG A 17 2.54 9.96 -4.44
CA ARG A 17 2.78 10.91 -5.51
C ARG A 17 2.51 10.24 -6.85
N LYS A 18 1.32 10.51 -7.36
CA LYS A 18 0.79 9.87 -8.57
C LYS A 18 1.58 10.27 -9.81
N PRO A 19 1.64 9.40 -10.84
CA PRO A 19 0.97 8.08 -10.86
C PRO A 19 1.66 7.07 -9.94
N LYS A 20 0.88 6.50 -9.03
CA LYS A 20 1.37 5.52 -8.06
C LYS A 20 0.18 4.93 -7.29
N VAL A 21 0.24 3.65 -6.95
CA VAL A 21 -0.90 2.96 -6.34
C VAL A 21 -0.47 2.11 -5.14
N PRO A 22 -1.35 1.97 -4.13
CA PRO A 22 -1.06 1.16 -2.94
C PRO A 22 -1.07 -0.34 -3.23
N LYS A 23 0.10 -0.89 -3.55
CA LYS A 23 0.26 -2.29 -3.86
C LYS A 23 0.84 -3.03 -2.65
N CYS A 24 0.81 -4.36 -2.67
CA CYS A 24 1.36 -5.14 -1.59
C CYS A 24 2.81 -5.50 -1.89
N ILE A 25 3.68 -5.29 -0.90
CA ILE A 25 5.10 -5.62 -1.02
C ILE A 25 5.56 -6.43 0.20
N ASN A 26 5.91 -7.69 -0.04
CA ASN A 26 6.50 -8.56 0.98
C ASN A 26 5.61 -8.72 2.20
N GLY A 27 4.29 -8.71 1.99
CA GLY A 27 3.36 -8.90 3.09
C GLY A 27 2.96 -7.59 3.74
N PHE A 28 3.40 -6.48 3.13
CA PHE A 28 3.18 -5.11 3.62
C PHE A 28 2.39 -4.28 2.61
N CYS A 29 2.01 -3.05 2.99
CA CYS A 29 1.21 -2.15 2.16
C CYS A 29 2.05 -0.91 1.84
N LYS A 30 2.36 -0.77 0.56
CA LYS A 30 3.28 0.25 0.06
C LYS A 30 2.82 0.70 -1.31
N CYS A 31 3.18 1.90 -1.71
CA CYS A 31 2.76 2.42 -3.00
C CYS A 31 3.84 2.22 -4.05
N VAL A 32 3.44 1.62 -5.17
CA VAL A 32 4.35 1.32 -6.27
C VAL A 32 3.77 1.88 -7.58
N ARG A 33 4.65 2.28 -8.49
CA ARG A 33 4.23 2.78 -9.79
C ARG A 33 4.05 1.63 -10.77
N ALA A 1 4.98 2.81 12.08
CA ALA A 1 4.36 1.48 12.22
C ALA A 1 4.56 0.67 10.94
N THR A 2 4.58 -0.66 11.06
CA THR A 2 4.68 -1.54 9.92
C THR A 2 3.29 -1.94 9.43
N LYS A 3 2.95 -1.52 8.21
CA LYS A 3 1.64 -1.79 7.63
C LYS A 3 1.68 -3.09 6.83
N PRO A 4 0.74 -4.02 7.10
CA PRO A 4 0.70 -5.33 6.43
C PRO A 4 0.12 -5.29 5.01
N CYS A 5 -0.18 -6.48 4.49
CA CYS A 5 -0.72 -6.64 3.12
C CYS A 5 -2.24 -6.75 3.14
N GLN A 6 -2.82 -7.00 1.96
CA GLN A 6 -4.23 -6.75 1.69
C GLN A 6 -4.45 -5.24 1.70
N SER A 7 -3.39 -4.53 1.31
CA SER A 7 -3.30 -3.09 1.38
C SER A 7 -4.52 -2.37 0.81
N ASP A 8 -5.15 -2.98 -0.20
CA ASP A 8 -6.29 -2.38 -0.85
C ASP A 8 -7.39 -2.09 0.17
N LYS A 9 -7.82 -3.12 0.88
CA LYS A 9 -8.80 -3.00 1.95
C LYS A 9 -8.15 -2.49 3.25
N ASP A 10 -6.89 -2.87 3.46
CA ASP A 10 -6.24 -2.78 4.77
C ASP A 10 -5.71 -1.38 5.08
N CYS A 11 -5.12 -0.71 4.10
CA CYS A 11 -4.54 0.61 4.38
C CYS A 11 -5.66 1.63 4.16
N LYS A 12 -5.64 2.73 4.92
CA LYS A 12 -6.88 3.50 5.06
C LYS A 12 -7.30 4.25 3.80
N LYS A 13 -6.42 5.13 3.32
CA LYS A 13 -6.60 5.81 2.04
C LYS A 13 -5.35 5.68 1.18
N PHE A 14 -4.45 4.77 1.56
CA PHE A 14 -3.01 4.94 1.27
C PHE A 14 -2.76 5.52 -0.13
N ALA A 15 -2.54 6.83 -0.14
CA ALA A 15 -2.28 7.61 -1.34
C ALA A 15 -0.79 7.90 -1.49
N CYS A 16 -0.33 7.98 -2.73
CA CYS A 16 1.03 8.39 -3.05
C CYS A 16 1.04 9.17 -4.36
N ARG A 17 2.08 9.96 -4.61
CA ARG A 17 2.12 10.85 -5.76
C ARG A 17 2.26 10.06 -7.05
N LYS A 18 1.27 10.17 -7.91
CA LYS A 18 1.24 9.46 -9.20
C LYS A 18 2.37 9.92 -10.11
N PRO A 19 2.89 9.03 -10.99
CA PRO A 19 2.42 7.64 -11.12
C PRO A 19 2.92 6.75 -9.98
N LYS A 20 1.99 6.30 -9.14
CA LYS A 20 2.31 5.46 -7.99
C LYS A 20 1.01 5.00 -7.33
N VAL A 21 0.90 3.70 -7.07
CA VAL A 21 -0.33 3.13 -6.53
C VAL A 21 -0.04 2.30 -5.27
N PRO A 22 -1.01 2.20 -4.34
CA PRO A 22 -0.89 1.34 -3.16
C PRO A 22 -0.75 -0.12 -3.56
N LYS A 23 0.28 -0.79 -3.06
CA LYS A 23 0.60 -2.15 -3.46
C LYS A 23 1.03 -2.97 -2.25
N CYS A 24 0.89 -4.29 -2.37
CA CYS A 24 1.34 -5.22 -1.34
C CYS A 24 2.74 -5.71 -1.65
N ILE A 25 3.65 -5.54 -0.69
CA ILE A 25 5.04 -5.95 -0.85
C ILE A 25 5.48 -6.81 0.34
N ASN A 26 5.68 -8.10 0.08
CA ASN A 26 6.19 -9.04 1.10
C ASN A 26 5.31 -9.10 2.34
N GLY A 27 4.00 -8.93 2.15
CA GLY A 27 3.06 -8.97 3.26
C GLY A 27 2.87 -7.61 3.92
N PHE A 28 3.42 -6.57 3.28
CA PHE A 28 3.39 -5.19 3.79
C PHE A 28 2.66 -4.26 2.80
N CYS A 29 2.45 -3.00 3.22
CA CYS A 29 1.70 -2.00 2.43
C CYS A 29 2.62 -0.84 2.05
N LYS A 30 2.86 -0.72 0.75
CA LYS A 30 3.78 0.26 0.19
C LYS A 30 3.26 0.68 -1.18
N CYS A 31 3.58 1.89 -1.62
CA CYS A 31 3.13 2.36 -2.93
C CYS A 31 4.26 2.17 -3.95
N VAL A 32 3.89 1.60 -5.09
CA VAL A 32 4.85 1.26 -6.14
C VAL A 32 4.25 1.59 -7.51
N ARG A 33 5.12 1.73 -8.52
CA ARG A 33 4.67 1.94 -9.89
C ARG A 33 5.25 0.86 -10.80
N ALA A 1 2.21 1.21 13.44
CA ALA A 1 3.51 0.69 12.96
C ALA A 1 3.46 0.53 11.43
N THR A 2 4.45 -0.16 10.87
CA THR A 2 4.47 -0.48 9.45
C THR A 2 3.17 -1.20 9.05
N LYS A 3 2.73 -0.99 7.82
CA LYS A 3 1.48 -1.57 7.35
C LYS A 3 1.75 -2.91 6.64
N PRO A 4 0.97 -3.96 6.95
CA PRO A 4 1.14 -5.28 6.35
C PRO A 4 0.50 -5.39 4.96
N CYS A 5 0.24 -6.62 4.52
CA CYS A 5 -0.32 -6.86 3.19
C CYS A 5 -1.83 -6.99 3.24
N GLN A 6 -2.43 -7.25 2.07
CA GLN A 6 -3.86 -7.04 1.82
C GLN A 6 -4.09 -5.53 1.74
N SER A 7 -3.04 -4.85 1.27
CA SER A 7 -2.94 -3.38 1.24
C SER A 7 -4.25 -2.68 0.91
N ASP A 8 -4.98 -3.23 -0.06
CA ASP A 8 -6.21 -2.64 -0.51
C ASP A 8 -7.19 -2.46 0.65
N LYS A 9 -7.49 -3.56 1.35
CA LYS A 9 -8.36 -3.53 2.51
C LYS A 9 -7.62 -3.06 3.76
N ASP A 10 -6.30 -3.28 3.78
CA ASP A 10 -5.51 -3.04 4.98
C ASP A 10 -5.27 -1.57 5.24
N CYS A 11 -4.66 -0.86 4.28
CA CYS A 11 -4.45 0.57 4.47
C CYS A 11 -5.69 1.30 3.97
N LYS A 12 -6.03 2.44 4.58
CA LYS A 12 -7.32 3.07 4.30
C LYS A 12 -7.40 3.71 2.91
N LYS A 13 -6.48 4.63 2.67
CA LYS A 13 -6.45 5.40 1.42
C LYS A 13 -5.08 5.35 0.76
N PHE A 14 -4.21 4.45 1.21
CA PHE A 14 -2.76 4.67 1.14
C PHE A 14 -2.36 5.36 -0.17
N ALA A 15 -2.20 6.67 -0.06
CA ALA A 15 -1.96 7.56 -1.19
C ALA A 15 -0.50 7.91 -1.33
N CYS A 16 -0.07 8.08 -2.57
CA CYS A 16 1.30 8.46 -2.90
C CYS A 16 1.31 9.30 -4.18
N ARG A 17 2.43 9.98 -4.43
CA ARG A 17 2.56 10.85 -5.59
C ARG A 17 2.49 10.02 -6.87
N LYS A 18 1.41 10.23 -7.63
CA LYS A 18 1.18 9.48 -8.85
C LYS A 18 2.27 9.75 -9.89
N PRO A 19 2.57 8.77 -10.77
CA PRO A 19 1.87 7.47 -10.81
C PRO A 19 2.31 6.53 -9.69
N LYS A 20 1.39 6.22 -8.79
CA LYS A 20 1.63 5.28 -7.68
C LYS A 20 0.30 4.80 -7.13
N VAL A 21 0.29 3.56 -6.65
CA VAL A 21 -0.91 2.93 -6.09
C VAL A 21 -0.53 2.00 -4.94
N PRO A 22 -1.43 1.83 -3.95
CA PRO A 22 -1.19 0.93 -2.81
C PRO A 22 -1.08 -0.52 -3.25
N LYS A 23 0.14 -1.06 -3.20
CA LYS A 23 0.41 -2.45 -3.55
C LYS A 23 0.96 -3.20 -2.35
N CYS A 24 1.01 -4.53 -2.45
CA CYS A 24 1.57 -5.35 -1.39
C CYS A 24 3.02 -5.69 -1.69
N ILE A 25 3.89 -5.46 -0.72
CA ILE A 25 5.29 -5.84 -0.82
C ILE A 25 5.58 -7.00 0.14
N ASN A 26 5.40 -8.22 -0.36
CA ASN A 26 5.78 -9.45 0.34
C ASN A 26 5.33 -9.44 1.82
N GLY A 27 4.11 -8.98 2.07
CA GLY A 27 3.56 -9.00 3.41
C GLY A 27 3.30 -7.62 3.97
N PHE A 28 3.74 -6.59 3.26
CA PHE A 28 3.60 -5.18 3.68
C PHE A 28 2.80 -4.35 2.68
N CYS A 29 2.51 -3.10 3.06
CA CYS A 29 1.66 -2.17 2.29
C CYS A 29 2.51 -0.96 1.89
N LYS A 30 2.72 -0.83 0.58
CA LYS A 30 3.61 0.20 0.02
C LYS A 30 3.14 0.54 -1.39
N CYS A 31 3.44 1.75 -1.86
CA CYS A 31 2.94 2.22 -3.15
C CYS A 31 3.96 2.00 -4.27
N VAL A 32 3.47 1.46 -5.38
CA VAL A 32 4.27 1.21 -6.57
C VAL A 32 3.59 1.88 -7.77
N ARG A 33 4.37 2.25 -8.78
CA ARG A 33 3.82 2.90 -9.97
C ARG A 33 2.98 1.91 -10.80
N ALA A 1 5.86 0.79 13.11
CA ALA A 1 4.56 0.18 12.79
C ALA A 1 4.69 -0.74 11.58
N THR A 2 3.80 -1.72 11.47
CA THR A 2 3.84 -2.66 10.38
C THR A 2 2.56 -2.58 9.53
N LYS A 3 2.72 -2.20 8.27
CA LYS A 3 1.62 -2.24 7.31
C LYS A 3 1.78 -3.48 6.43
N PRO A 4 1.01 -4.55 6.70
CA PRO A 4 1.12 -5.81 5.97
C PRO A 4 0.41 -5.77 4.60
N CYS A 5 0.16 -6.97 4.06
CA CYS A 5 -0.51 -7.11 2.77
C CYS A 5 -2.00 -7.36 2.99
N GLN A 6 -2.73 -7.57 1.88
CA GLN A 6 -4.17 -7.35 1.86
C GLN A 6 -4.38 -5.85 2.08
N SER A 7 -3.38 -5.10 1.58
CA SER A 7 -3.25 -3.67 1.79
C SER A 7 -4.49 -2.91 1.36
N ASP A 8 -5.28 -3.52 0.47
CA ASP A 8 -6.55 -2.95 0.04
C ASP A 8 -7.39 -2.61 1.27
N LYS A 9 -7.64 -3.61 2.10
CA LYS A 9 -8.34 -3.40 3.36
C LYS A 9 -7.41 -2.83 4.43
N ASP A 10 -6.12 -3.20 4.37
CA ASP A 10 -5.18 -2.88 5.45
C ASP A 10 -4.90 -1.39 5.58
N CYS A 11 -4.40 -0.75 4.52
CA CYS A 11 -4.10 0.67 4.62
C CYS A 11 -5.35 1.46 4.26
N LYS A 12 -5.53 2.64 4.85
CA LYS A 12 -6.87 3.26 4.81
C LYS A 12 -7.24 3.79 3.42
N LYS A 13 -6.46 4.72 2.89
CA LYS A 13 -6.58 5.15 1.50
C LYS A 13 -5.22 5.11 0.79
N PHE A 14 -4.26 4.36 1.32
CA PHE A 14 -2.84 4.71 1.19
C PHE A 14 -2.50 5.29 -0.20
N ALA A 15 -2.46 6.62 -0.23
CA ALA A 15 -2.26 7.39 -1.45
C ALA A 15 -0.81 7.87 -1.57
N CYS A 16 -0.33 7.95 -2.81
CA CYS A 16 0.99 8.47 -3.12
C CYS A 16 0.96 9.20 -4.45
N ARG A 17 2.00 9.99 -4.73
CA ARG A 17 1.99 10.88 -5.89
C ARG A 17 1.94 10.09 -7.19
N LYS A 18 0.75 10.08 -7.80
CA LYS A 18 0.51 9.39 -9.06
C LYS A 18 1.42 9.94 -10.17
N PRO A 19 1.78 9.11 -11.17
CA PRO A 19 1.34 7.70 -11.30
C PRO A 19 1.99 6.79 -10.25
N LYS A 20 1.17 6.31 -9.33
CA LYS A 20 1.60 5.42 -8.25
C LYS A 20 0.36 4.93 -7.52
N VAL A 21 0.40 3.70 -7.03
CA VAL A 21 -0.79 3.06 -6.46
C VAL A 21 -0.46 2.31 -5.16
N PRO A 22 -1.47 2.16 -4.27
CA PRO A 22 -1.35 1.26 -3.11
C PRO A 22 -1.17 -0.18 -3.57
N LYS A 23 -0.05 -0.77 -3.21
CA LYS A 23 0.36 -2.05 -3.76
C LYS A 23 0.95 -2.91 -2.63
N CYS A 24 0.83 -4.22 -2.77
CA CYS A 24 1.37 -5.14 -1.78
C CYS A 24 2.78 -5.56 -2.16
N ILE A 25 3.71 -5.38 -1.24
CA ILE A 25 5.09 -5.78 -1.45
C ILE A 25 5.50 -6.83 -0.40
N ASN A 26 5.54 -8.08 -0.85
CA ASN A 26 6.05 -9.19 -0.04
C ASN A 26 5.45 -9.19 1.36
N GLY A 27 4.12 -9.17 1.43
CA GLY A 27 3.44 -9.27 2.70
C GLY A 27 3.22 -7.92 3.39
N PHE A 28 3.69 -6.84 2.75
CA PHE A 28 3.61 -5.47 3.29
C PHE A 28 2.82 -4.54 2.36
N CYS A 29 2.58 -3.30 2.83
CA CYS A 29 1.75 -2.32 2.13
C CYS A 29 2.59 -1.10 1.76
N LYS A 30 2.78 -0.91 0.46
CA LYS A 30 3.65 0.12 -0.10
C LYS A 30 3.00 0.73 -1.32
N CYS A 31 3.37 1.95 -1.64
CA CYS A 31 2.88 2.59 -2.85
C CYS A 31 3.92 2.48 -3.95
N VAL A 32 3.56 1.76 -5.01
CA VAL A 32 4.48 1.43 -6.09
C VAL A 32 3.77 1.63 -7.42
N ARG A 33 4.53 1.59 -8.53
CA ARG A 33 3.94 1.69 -9.86
C ARG A 33 3.28 0.36 -10.23
N ALA A 1 2.92 1.00 13.81
CA ALA A 1 3.59 -0.24 13.40
C ALA A 1 3.71 -0.32 11.88
N THR A 2 4.31 -1.39 11.39
CA THR A 2 4.45 -1.61 9.95
C THR A 2 3.09 -1.95 9.34
N LYS A 3 2.89 -1.49 8.10
CA LYS A 3 1.65 -1.73 7.39
C LYS A 3 1.77 -3.00 6.54
N PRO A 4 1.06 -4.08 6.92
CA PRO A 4 1.06 -5.34 6.16
C PRO A 4 0.35 -5.26 4.81
N CYS A 5 0.02 -6.42 4.26
CA CYS A 5 -0.59 -6.54 2.93
C CYS A 5 -2.10 -6.63 3.01
N GLN A 6 -2.73 -6.79 1.84
CA GLN A 6 -4.15 -6.49 1.66
C GLN A 6 -4.33 -5.00 1.88
N SER A 7 -3.40 -4.26 1.27
CA SER A 7 -3.25 -2.82 1.42
C SER A 7 -4.58 -2.08 1.31
N ASP A 8 -5.51 -2.63 0.52
CA ASP A 8 -6.80 -2.04 0.29
C ASP A 8 -7.53 -1.82 1.62
N LYS A 9 -7.69 -2.90 2.38
CA LYS A 9 -8.32 -2.82 3.69
C LYS A 9 -7.32 -2.32 4.75
N ASP A 10 -6.05 -2.66 4.58
CA ASP A 10 -5.06 -2.40 5.62
C ASP A 10 -4.78 -0.91 5.74
N CYS A 11 -4.34 -0.26 4.67
CA CYS A 11 -4.13 1.17 4.74
C CYS A 11 -5.45 1.85 4.38
N LYS A 12 -5.75 3.02 4.97
CA LYS A 12 -7.12 3.52 4.92
C LYS A 12 -7.57 4.01 3.54
N LYS A 13 -6.86 4.99 3.00
CA LYS A 13 -7.15 5.52 1.66
C LYS A 13 -5.89 5.54 0.81
N PHE A 14 -4.89 4.75 1.17
CA PHE A 14 -3.49 5.04 0.83
C PHE A 14 -3.33 5.60 -0.59
N ALA A 15 -3.24 6.93 -0.65
CA ALA A 15 -3.04 7.68 -1.88
C ALA A 15 -1.57 8.08 -2.02
N CYS A 16 -1.07 8.14 -3.25
CA CYS A 16 0.30 8.55 -3.50
C CYS A 16 0.41 9.32 -4.83
N ARG A 17 1.53 10.01 -5.00
CA ARG A 17 1.72 10.93 -6.12
C ARG A 17 1.92 10.15 -7.42
N LYS A 18 0.91 10.20 -8.28
CA LYS A 18 0.95 9.51 -9.57
C LYS A 18 2.09 10.03 -10.45
N PRO A 19 2.77 9.15 -11.22
CA PRO A 19 2.45 7.72 -11.28
C PRO A 19 2.94 6.95 -10.04
N LYS A 20 1.99 6.34 -9.34
CA LYS A 20 2.26 5.55 -8.14
C LYS A 20 0.95 4.98 -7.60
N VAL A 21 0.88 3.65 -7.48
CA VAL A 21 -0.36 2.98 -7.10
C VAL A 21 -0.18 2.17 -5.83
N PRO A 22 -1.26 1.99 -5.03
CA PRO A 22 -1.24 1.13 -3.84
C PRO A 22 -0.84 -0.31 -4.20
N LYS A 23 0.19 -0.81 -3.53
CA LYS A 23 0.77 -2.10 -3.86
C LYS A 23 1.07 -2.89 -2.59
N CYS A 24 0.97 -4.20 -2.68
CA CYS A 24 1.34 -5.09 -1.58
C CYS A 24 2.75 -5.61 -1.77
N ILE A 25 3.66 -5.22 -0.89
CA ILE A 25 5.03 -5.68 -0.95
C ILE A 25 5.17 -7.00 -0.19
N ASN A 26 4.80 -8.08 -0.87
CA ASN A 26 4.98 -9.44 -0.36
C ASN A 26 4.58 -9.60 1.11
N GLY A 27 3.58 -8.86 1.54
CA GLY A 27 3.14 -8.94 2.92
C GLY A 27 2.97 -7.58 3.58
N PHE A 28 3.42 -6.53 2.88
CA PHE A 28 3.38 -5.15 3.38
C PHE A 28 2.56 -4.21 2.46
N CYS A 29 2.35 -2.97 2.91
CA CYS A 29 1.53 -1.97 2.19
C CYS A 29 2.41 -0.77 1.83
N LYS A 30 2.61 -0.58 0.54
CA LYS A 30 3.40 0.53 0.00
C LYS A 30 2.86 0.94 -1.36
N CYS A 31 3.07 2.19 -1.75
CA CYS A 31 2.70 2.64 -3.08
C CYS A 31 3.91 2.62 -3.99
N VAL A 32 3.78 1.95 -5.13
CA VAL A 32 4.90 1.74 -6.05
C VAL A 32 4.49 2.11 -7.47
N ARG A 33 5.46 2.60 -8.25
CA ARG A 33 5.22 2.94 -9.65
C ARG A 33 5.83 1.87 -10.55
N ALA A 1 4.30 0.75 14.51
CA ALA A 1 3.11 0.76 13.64
C ALA A 1 3.51 0.46 12.19
N THR A 2 3.30 -0.78 11.76
CA THR A 2 3.58 -1.20 10.39
C THR A 2 2.28 -1.42 9.63
N LYS A 3 2.36 -1.43 8.30
CA LYS A 3 1.20 -1.68 7.46
C LYS A 3 1.44 -2.94 6.60
N PRO A 4 0.86 -4.09 7.03
CA PRO A 4 0.96 -5.37 6.32
C PRO A 4 0.33 -5.35 4.91
N CYS A 5 0.03 -6.54 4.37
CA CYS A 5 -0.40 -6.69 2.98
C CYS A 5 -1.92 -6.72 2.79
N GLN A 6 -2.29 -6.76 1.50
CA GLN A 6 -3.62 -6.45 1.02
C GLN A 6 -3.95 -5.01 1.39
N SER A 7 -3.22 -4.10 0.74
CA SER A 7 -3.28 -2.67 1.01
C SER A 7 -4.70 -2.14 0.98
N ASP A 8 -5.50 -2.69 0.06
CA ASP A 8 -6.89 -2.30 -0.11
C ASP A 8 -7.64 -2.30 1.23
N LYS A 9 -7.61 -3.44 1.92
CA LYS A 9 -8.21 -3.55 3.25
C LYS A 9 -7.31 -2.93 4.31
N ASP A 10 -6.00 -3.17 4.17
CA ASP A 10 -5.05 -2.92 5.26
C ASP A 10 -4.83 -1.44 5.49
N CYS A 11 -4.40 -0.73 4.45
CA CYS A 11 -4.22 0.70 4.59
C CYS A 11 -5.56 1.36 4.25
N LYS A 12 -5.88 2.51 4.87
CA LYS A 12 -7.27 2.99 4.79
C LYS A 12 -7.66 3.50 3.40
N LYS A 13 -6.93 4.50 2.90
CA LYS A 13 -7.07 5.00 1.54
C LYS A 13 -5.74 5.06 0.81
N PHE A 14 -4.75 4.29 1.25
CA PHE A 14 -3.33 4.62 1.05
C PHE A 14 -3.07 5.23 -0.32
N ALA A 15 -3.02 6.56 -0.34
CA ALA A 15 -2.74 7.34 -1.52
C ALA A 15 -1.29 7.78 -1.54
N CYS A 16 -0.70 7.89 -2.72
CA CYS A 16 0.67 8.35 -2.86
C CYS A 16 0.81 9.26 -4.07
N ARG A 17 1.92 9.98 -4.12
CA ARG A 17 2.18 10.92 -5.20
C ARG A 17 2.33 10.17 -6.53
N LYS A 18 1.31 10.30 -7.37
CA LYS A 18 1.24 9.59 -8.64
C LYS A 18 2.21 10.20 -9.67
N PRO A 19 2.58 9.44 -10.72
CA PRO A 19 2.11 8.07 -10.99
C PRO A 19 2.66 7.05 -9.99
N LYS A 20 1.76 6.48 -9.18
CA LYS A 20 2.14 5.52 -8.15
C LYS A 20 0.86 4.87 -7.61
N VAL A 21 0.94 3.60 -7.23
CA VAL A 21 -0.25 2.84 -6.81
C VAL A 21 0.03 2.00 -5.56
N PRO A 22 -0.95 1.89 -4.64
CA PRO A 22 -0.81 1.11 -3.41
C PRO A 22 -0.86 -0.41 -3.66
N LYS A 23 0.31 -1.02 -3.67
CA LYS A 23 0.45 -2.45 -3.92
C LYS A 23 1.03 -3.15 -2.69
N CYS A 24 0.97 -4.48 -2.69
CA CYS A 24 1.51 -5.26 -1.59
C CYS A 24 2.95 -5.66 -1.88
N ILE A 25 3.81 -5.46 -0.90
CA ILE A 25 5.22 -5.82 -1.01
C ILE A 25 5.62 -6.80 0.09
N ASN A 26 5.72 -8.07 -0.27
CA ASN A 26 6.26 -9.11 0.61
C ASN A 26 5.53 -9.19 1.96
N GLY A 27 4.23 -8.91 1.94
CA GLY A 27 3.43 -9.02 3.16
C GLY A 27 3.10 -7.67 3.78
N PHE A 28 3.60 -6.60 3.13
CA PHE A 28 3.43 -5.21 3.58
C PHE A 28 2.63 -4.39 2.57
N CYS A 29 2.29 -3.15 2.94
CA CYS A 29 1.48 -2.24 2.13
C CYS A 29 2.30 -1.01 1.77
N LYS A 30 2.59 -0.86 0.47
CA LYS A 30 3.45 0.21 -0.03
C LYS A 30 2.97 0.66 -1.41
N CYS A 31 3.27 1.89 -1.78
CA CYS A 31 2.93 2.40 -3.11
C CYS A 31 4.13 2.28 -4.04
N VAL A 32 3.92 1.62 -5.18
CA VAL A 32 4.98 1.34 -6.14
C VAL A 32 4.54 1.76 -7.55
N ARG A 33 5.49 1.84 -8.49
CA ARG A 33 5.19 2.12 -9.89
C ARG A 33 5.91 1.09 -10.76
N ALA A 1 4.31 0.47 14.91
CA ALA A 1 3.56 -0.64 14.30
C ALA A 1 3.90 -0.76 12.82
N THR A 2 3.52 -1.88 12.21
CA THR A 2 3.76 -2.12 10.80
C THR A 2 2.45 -2.04 10.00
N LYS A 3 2.56 -1.98 8.68
CA LYS A 3 1.41 -1.96 7.78
C LYS A 3 1.46 -3.19 6.88
N PRO A 4 0.69 -4.24 7.21
CA PRO A 4 0.71 -5.52 6.48
C PRO A 4 0.20 -5.43 5.02
N CYS A 5 0.05 -6.62 4.42
CA CYS A 5 -0.31 -6.76 3.01
C CYS A 5 -1.80 -6.94 2.80
N GLN A 6 -2.18 -6.97 1.52
CA GLN A 6 -3.55 -6.75 1.08
C GLN A 6 -3.90 -5.30 1.33
N SER A 7 -3.22 -4.43 0.58
CA SER A 7 -3.35 -2.98 0.72
C SER A 7 -4.81 -2.56 0.74
N ASP A 8 -5.62 -3.29 -0.04
CA ASP A 8 -7.06 -3.06 -0.11
C ASP A 8 -7.68 -3.01 1.29
N LYS A 9 -7.46 -4.07 2.07
CA LYS A 9 -7.99 -4.11 3.43
C LYS A 9 -7.13 -3.30 4.40
N ASP A 10 -5.81 -3.29 4.19
CA ASP A 10 -4.89 -2.72 5.19
C ASP A 10 -4.91 -1.21 5.21
N CYS A 11 -4.63 -0.57 4.09
CA CYS A 11 -4.55 0.88 4.10
C CYS A 11 -5.91 1.45 3.67
N LYS A 12 -6.27 2.62 4.21
CA LYS A 12 -7.62 3.16 4.00
C LYS A 12 -7.87 3.68 2.58
N LYS A 13 -7.04 4.64 2.19
CA LYS A 13 -7.18 5.34 0.92
C LYS A 13 -5.88 5.33 0.13
N PHE A 14 -4.96 4.45 0.53
CA PHE A 14 -3.53 4.74 0.38
C PHE A 14 -3.20 5.44 -0.93
N ALA A 15 -3.08 6.77 -0.82
CA ALA A 15 -2.79 7.65 -1.95
C ALA A 15 -1.31 8.00 -1.98
N CYS A 16 -0.76 8.11 -3.17
CA CYS A 16 0.66 8.39 -3.36
C CYS A 16 0.89 9.18 -4.64
N ARG A 17 2.09 9.75 -4.76
CA ARG A 17 2.42 10.64 -5.86
C ARG A 17 2.39 9.87 -7.18
N LYS A 18 1.24 9.96 -7.86
CA LYS A 18 1.06 9.29 -9.15
C LYS A 18 1.94 9.92 -10.22
N PRO A 19 2.37 9.16 -11.25
CA PRO A 19 1.96 7.75 -11.47
C PRO A 19 2.50 6.79 -10.40
N LYS A 20 1.58 6.17 -9.67
CA LYS A 20 1.90 5.24 -8.58
C LYS A 20 0.60 4.66 -8.03
N VAL A 21 0.64 3.43 -7.53
CA VAL A 21 -0.57 2.76 -7.04
C VAL A 21 -0.30 2.03 -5.73
N PRO A 22 -1.34 1.85 -4.89
CA PRO A 22 -1.24 1.02 -3.68
C PRO A 22 -0.89 -0.43 -4.03
N LYS A 23 0.14 -0.95 -3.38
CA LYS A 23 0.67 -2.27 -3.69
C LYS A 23 0.98 -3.03 -2.40
N CYS A 24 1.12 -4.34 -2.52
CA CYS A 24 1.59 -5.17 -1.42
C CYS A 24 3.06 -5.52 -1.61
N ILE A 25 3.84 -5.36 -0.56
CA ILE A 25 5.25 -5.70 -0.60
C ILE A 25 5.56 -6.83 0.37
N ASN A 26 5.41 -8.07 -0.11
CA ASN A 26 5.89 -9.26 0.60
C ASN A 26 5.39 -9.34 2.03
N GLY A 27 4.17 -8.83 2.26
CA GLY A 27 3.59 -8.88 3.59
C GLY A 27 3.17 -7.51 4.10
N PHE A 28 3.60 -6.45 3.39
CA PHE A 28 3.34 -5.06 3.79
C PHE A 28 2.47 -4.31 2.76
N CYS A 29 2.07 -3.08 3.11
CA CYS A 29 1.27 -2.20 2.23
C CYS A 29 2.09 -0.95 1.92
N LYS A 30 2.46 -0.81 0.64
CA LYS A 30 3.29 0.30 0.16
C LYS A 30 2.83 0.66 -1.25
N CYS A 31 3.07 1.89 -1.66
CA CYS A 31 2.70 2.31 -3.00
C CYS A 31 3.90 2.23 -3.95
N VAL A 32 3.67 1.62 -5.11
CA VAL A 32 4.72 1.40 -6.10
C VAL A 32 4.16 1.70 -7.49
N ARG A 33 5.04 2.07 -8.43
CA ARG A 33 4.63 2.30 -9.80
C ARG A 33 4.48 0.96 -10.52
N ALA A 1 3.44 1.75 14.66
CA ALA A 1 2.43 1.15 13.76
C ALA A 1 2.91 1.18 12.31
N THR A 2 2.65 0.11 11.57
CA THR A 2 3.05 0.00 10.17
C THR A 2 1.87 -0.48 9.33
N LYS A 3 2.10 -0.67 8.04
CA LYS A 3 1.05 -1.11 7.13
C LYS A 3 1.48 -2.41 6.43
N PRO A 4 0.96 -3.56 6.91
CA PRO A 4 1.22 -4.88 6.29
C PRO A 4 0.49 -5.07 4.94
N CYS A 5 0.29 -6.33 4.54
CA CYS A 5 -0.28 -6.65 3.23
C CYS A 5 -1.79 -6.88 3.29
N GLN A 6 -2.36 -7.14 2.10
CA GLN A 6 -3.80 -7.05 1.85
C GLN A 6 -4.17 -5.56 1.78
N SER A 7 -3.30 -4.81 1.10
CA SER A 7 -3.35 -3.34 1.04
C SER A 7 -4.78 -2.82 0.86
N ASP A 8 -5.57 -3.51 0.06
CA ASP A 8 -6.96 -3.13 -0.20
C ASP A 8 -7.71 -2.91 1.11
N LYS A 9 -7.73 -3.93 1.96
CA LYS A 9 -8.33 -3.81 3.30
C LYS A 9 -7.38 -3.09 4.25
N ASP A 10 -6.08 -3.26 4.02
CA ASP A 10 -5.06 -2.90 5.00
C ASP A 10 -4.92 -1.39 5.16
N CYS A 11 -4.63 -0.66 4.09
CA CYS A 11 -4.60 0.78 4.21
C CYS A 11 -5.91 1.32 3.63
N LYS A 12 -6.44 2.41 4.18
CA LYS A 12 -7.65 3.02 3.64
C LYS A 12 -7.42 3.76 2.33
N LYS A 13 -6.51 4.73 2.41
CA LYS A 13 -6.33 5.75 1.38
C LYS A 13 -4.90 5.84 0.90
N PHE A 14 -4.06 4.87 1.27
CA PHE A 14 -2.60 5.05 1.20
C PHE A 14 -2.18 5.83 -0.05
N ALA A 15 -1.94 7.14 0.15
CA ALA A 15 -1.71 8.07 -0.93
C ALA A 15 -0.23 8.22 -1.24
N CYS A 16 0.07 8.43 -2.51
CA CYS A 16 1.43 8.58 -2.97
C CYS A 16 1.48 9.49 -4.19
N ARG A 17 2.67 9.97 -4.52
CA ARG A 17 2.84 10.88 -5.64
C ARG A 17 2.50 10.17 -6.94
N LYS A 18 1.26 10.35 -7.40
CA LYS A 18 0.77 9.71 -8.61
C LYS A 18 1.57 10.18 -9.83
N PRO A 19 1.82 9.27 -10.81
CA PRO A 19 1.30 7.89 -10.84
C PRO A 19 1.93 6.98 -9.77
N LYS A 20 1.06 6.36 -8.97
CA LYS A 20 1.43 5.38 -7.96
C LYS A 20 0.18 4.93 -7.23
N VAL A 21 0.08 3.64 -6.94
CA VAL A 21 -1.12 3.06 -6.34
C VAL A 21 -0.76 2.09 -5.21
N PRO A 22 -1.64 1.97 -4.19
CA PRO A 22 -1.45 1.03 -3.08
C PRO A 22 -1.38 -0.42 -3.57
N LYS A 23 -0.28 -1.08 -3.23
CA LYS A 23 -0.05 -2.47 -3.60
C LYS A 23 0.65 -3.18 -2.44
N CYS A 24 0.70 -4.51 -2.47
CA CYS A 24 1.37 -5.26 -1.43
C CYS A 24 2.82 -5.52 -1.81
N ILE A 25 3.70 -5.38 -0.82
CA ILE A 25 5.12 -5.67 -1.00
C ILE A 25 5.54 -6.75 0.01
N ASN A 26 5.44 -8.00 -0.41
CA ASN A 26 5.96 -9.15 0.34
C ASN A 26 5.47 -9.16 1.79
N GLY A 27 4.26 -8.68 2.04
CA GLY A 27 3.71 -8.68 3.38
C GLY A 27 3.38 -7.29 3.90
N PHE A 28 3.75 -6.25 3.13
CA PHE A 28 3.53 -4.85 3.49
C PHE A 28 2.58 -4.14 2.51
N CYS A 29 2.22 -2.89 2.84
CA CYS A 29 1.33 -2.04 2.03
C CYS A 29 2.13 -0.82 1.60
N LYS A 30 2.35 -0.72 0.29
CA LYS A 30 3.27 0.27 -0.27
C LYS A 30 2.84 0.58 -1.71
N CYS A 31 3.19 1.76 -2.19
CA CYS A 31 2.70 2.21 -3.49
C CYS A 31 3.71 1.96 -4.60
N VAL A 32 3.21 1.45 -5.73
CA VAL A 32 4.01 1.21 -6.91
C VAL A 32 3.28 1.75 -8.15
N ARG A 33 4.04 2.13 -9.17
CA ARG A 33 3.46 2.64 -10.41
C ARG A 33 2.80 1.51 -11.21
N ALA A 1 0.63 0.69 14.26
CA ALA A 1 1.25 -0.55 13.75
C ALA A 1 1.93 -0.30 12.41
N THR A 2 2.59 -1.32 11.88
CA THR A 2 3.25 -1.25 10.58
C THR A 2 2.22 -1.33 9.46
N LYS A 3 2.70 -1.27 8.22
CA LYS A 3 1.85 -1.39 7.04
C LYS A 3 2.05 -2.75 6.38
N PRO A 4 1.16 -3.72 6.67
CA PRO A 4 1.27 -5.08 6.16
C PRO A 4 0.54 -5.30 4.82
N CYS A 5 0.32 -6.58 4.47
CA CYS A 5 -0.33 -6.93 3.21
C CYS A 5 -1.83 -7.16 3.39
N GLN A 6 -2.49 -7.59 2.30
CA GLN A 6 -3.92 -7.39 2.10
C GLN A 6 -4.14 -5.90 1.89
N SER A 7 -3.03 -5.23 1.52
CA SER A 7 -2.90 -3.77 1.51
C SER A 7 -4.09 -3.07 0.88
N ASP A 8 -4.69 -3.70 -0.12
CA ASP A 8 -5.83 -3.12 -0.82
C ASP A 8 -6.96 -2.81 0.18
N LYS A 9 -7.37 -3.84 0.92
CA LYS A 9 -8.35 -3.67 2.00
C LYS A 9 -7.68 -3.12 3.26
N ASP A 10 -6.39 -3.39 3.41
CA ASP A 10 -5.70 -3.21 4.69
C ASP A 10 -5.45 -1.75 5.02
N CYS A 11 -4.86 -0.98 4.09
CA CYS A 11 -4.59 0.43 4.42
C CYS A 11 -5.83 1.24 4.03
N LYS A 12 -6.10 2.32 4.77
CA LYS A 12 -7.44 2.92 4.71
C LYS A 12 -7.73 3.64 3.39
N LYS A 13 -6.91 4.63 3.07
CA LYS A 13 -7.02 5.39 1.82
C LYS A 13 -5.69 5.43 1.08
N PHE A 14 -4.81 4.46 1.36
CA PHE A 14 -3.36 4.64 1.17
C PHE A 14 -3.05 5.44 -0.10
N ALA A 15 -2.81 6.73 0.12
CA ALA A 15 -2.58 7.71 -0.94
C ALA A 15 -1.09 7.98 -1.11
N CYS A 16 -0.69 8.27 -2.34
CA CYS A 16 0.68 8.63 -2.66
C CYS A 16 0.72 9.61 -3.83
N ARG A 17 1.82 10.36 -3.95
CA ARG A 17 1.94 11.36 -5.00
C ARG A 17 2.01 10.65 -6.36
N LYS A 18 0.87 10.56 -7.04
CA LYS A 18 0.77 9.87 -8.32
C LYS A 18 1.69 10.52 -9.36
N PRO A 19 2.20 9.76 -10.37
CA PRO A 19 1.84 8.33 -10.59
C PRO A 19 2.38 7.40 -9.51
N LYS A 20 1.47 6.76 -8.77
CA LYS A 20 1.82 5.84 -7.69
C LYS A 20 0.53 5.35 -7.03
N VAL A 21 0.38 4.04 -6.91
CA VAL A 21 -0.86 3.44 -6.40
C VAL A 21 -0.56 2.38 -5.34
N PRO A 22 -1.48 2.20 -4.36
CA PRO A 22 -1.30 1.23 -3.27
C PRO A 22 -1.17 -0.21 -3.78
N LYS A 23 -0.22 -0.94 -3.21
CA LYS A 23 0.03 -2.32 -3.57
C LYS A 23 0.67 -3.07 -2.40
N CYS A 24 0.66 -4.39 -2.44
CA CYS A 24 1.34 -5.19 -1.43
C CYS A 24 2.75 -5.53 -1.90
N ILE A 25 3.70 -5.38 -0.99
CA ILE A 25 5.10 -5.75 -1.25
C ILE A 25 5.58 -6.73 -0.20
N ASN A 26 5.60 -8.02 -0.58
CA ASN A 26 6.18 -9.09 0.25
C ASN A 26 5.62 -9.12 1.67
N GLY A 27 4.34 -8.77 1.81
CA GLY A 27 3.69 -8.83 3.10
C GLY A 27 3.42 -7.47 3.73
N PHE A 28 3.85 -6.42 3.03
CA PHE A 28 3.72 -5.04 3.50
C PHE A 28 2.85 -4.19 2.54
N CYS A 29 2.55 -2.95 2.96
CA CYS A 29 1.65 -2.05 2.21
C CYS A 29 2.44 -0.82 1.78
N LYS A 30 2.61 -0.69 0.46
CA LYS A 30 3.39 0.40 -0.13
C LYS A 30 2.86 0.71 -1.52
N CYS A 31 3.07 1.93 -1.98
CA CYS A 31 2.57 2.37 -3.26
C CYS A 31 3.64 2.23 -4.34
N VAL A 32 3.27 1.60 -5.45
CA VAL A 32 4.17 1.34 -6.56
C VAL A 32 3.68 2.06 -7.81
N ARG A 33 4.62 2.44 -8.67
CA ARG A 33 4.30 3.14 -9.90
C ARG A 33 3.74 2.17 -10.96
N ALA A 1 2.28 0.19 14.76
CA ALA A 1 1.57 -0.87 14.02
C ALA A 1 2.24 -1.12 12.67
N THR A 2 2.51 -2.39 12.38
CA THR A 2 3.11 -2.78 11.11
C THR A 2 2.04 -2.76 10.00
N LYS A 3 2.46 -2.45 8.78
CA LYS A 3 1.55 -2.39 7.64
C LYS A 3 1.75 -3.60 6.73
N PRO A 4 0.98 -4.69 6.96
CA PRO A 4 1.08 -5.92 6.19
C PRO A 4 0.44 -5.82 4.80
N CYS A 5 0.17 -6.98 4.20
CA CYS A 5 -0.40 -7.07 2.86
C CYS A 5 -1.91 -7.19 2.89
N GLN A 6 -2.50 -7.25 1.69
CA GLN A 6 -3.90 -6.97 1.48
C GLN A 6 -4.13 -5.49 1.73
N SER A 7 -3.25 -4.68 1.13
CA SER A 7 -3.26 -3.23 1.27
C SER A 7 -4.66 -2.66 1.11
N ASP A 8 -5.46 -3.35 0.29
CA ASP A 8 -6.85 -3.00 0.07
C ASP A 8 -7.60 -2.83 1.40
N LYS A 9 -7.57 -3.86 2.24
CA LYS A 9 -8.15 -3.78 3.57
C LYS A 9 -7.23 -3.07 4.55
N ASP A 10 -5.92 -3.19 4.33
CA ASP A 10 -4.93 -2.78 5.34
C ASP A 10 -4.80 -1.28 5.47
N CYS A 11 -4.45 -0.60 4.37
CA CYS A 11 -4.27 0.85 4.48
C CYS A 11 -5.59 1.53 4.13
N LYS A 12 -5.88 2.69 4.75
CA LYS A 12 -7.24 3.23 4.68
C LYS A 12 -7.62 3.81 3.31
N LYS A 13 -6.85 4.80 2.86
CA LYS A 13 -7.07 5.43 1.56
C LYS A 13 -5.78 5.47 0.75
N PHE A 14 -4.79 4.68 1.17
CA PHE A 14 -3.37 4.99 0.96
C PHE A 14 -3.10 5.62 -0.42
N ALA A 15 -3.00 6.96 -0.41
CA ALA A 15 -2.70 7.74 -1.60
C ALA A 15 -1.23 8.15 -1.60
N CYS A 16 -0.65 8.25 -2.78
CA CYS A 16 0.77 8.56 -2.94
C CYS A 16 1.01 9.39 -4.19
N ARG A 17 2.20 9.99 -4.28
CA ARG A 17 2.54 10.87 -5.39
C ARG A 17 2.56 10.08 -6.70
N LYS A 18 1.50 10.25 -7.47
CA LYS A 18 1.33 9.55 -8.74
C LYS A 18 2.31 10.09 -9.80
N PRO A 19 2.64 9.30 -10.85
CA PRO A 19 2.09 7.94 -11.06
C PRO A 19 2.62 6.94 -10.02
N LYS A 20 1.69 6.41 -9.22
CA LYS A 20 2.02 5.52 -8.12
C LYS A 20 0.73 5.00 -7.48
N VAL A 21 0.72 3.74 -7.06
CA VAL A 21 -0.48 3.10 -6.51
C VAL A 21 -0.16 2.30 -5.25
N PRO A 22 -1.11 2.21 -4.31
CA PRO A 22 -0.97 1.39 -3.09
C PRO A 22 -0.91 -0.10 -3.43
N LYS A 23 0.28 -0.67 -3.32
CA LYS A 23 0.50 -2.07 -3.71
C LYS A 23 0.96 -2.89 -2.51
N CYS A 24 0.93 -4.20 -2.63
CA CYS A 24 1.47 -5.08 -1.61
C CYS A 24 2.92 -5.43 -1.92
N ILE A 25 3.80 -5.25 -0.95
CA ILE A 25 5.20 -5.63 -1.08
C ILE A 25 5.52 -6.84 -0.21
N ASN A 26 5.46 -8.02 -0.82
CA ASN A 26 5.93 -9.26 -0.20
C ASN A 26 5.37 -9.44 1.23
N GLY A 27 4.13 -9.02 1.43
CA GLY A 27 3.48 -9.19 2.73
C GLY A 27 3.19 -7.89 3.45
N PHE A 28 3.58 -6.77 2.84
CA PHE A 28 3.42 -5.41 3.42
C PHE A 28 2.57 -4.50 2.51
N CYS A 29 2.23 -3.29 3.01
CA CYS A 29 1.43 -2.31 2.26
C CYS A 29 2.27 -1.05 2.02
N LYS A 30 2.57 -0.80 0.75
CA LYS A 30 3.42 0.33 0.32
C LYS A 30 3.02 0.72 -1.11
N CYS A 31 3.26 1.97 -1.48
CA CYS A 31 2.89 2.43 -2.81
C CYS A 31 4.10 2.37 -3.76
N VAL A 32 3.85 1.88 -4.97
CA VAL A 32 4.90 1.66 -5.96
C VAL A 32 4.50 2.26 -7.31
N ARG A 33 5.49 2.45 -8.19
CA ARG A 33 5.28 2.97 -9.55
C ARG A 33 4.03 2.36 -10.21
N ALA A 1 1.79 -3.72 14.63
CA ALA A 1 2.14 -4.05 13.24
C ALA A 1 2.62 -2.80 12.51
N THR A 2 3.55 -2.96 11.58
CA THR A 2 4.03 -1.85 10.78
C THR A 2 2.98 -1.45 9.75
N LYS A 3 2.94 -2.15 8.62
CA LYS A 3 1.91 -1.94 7.61
C LYS A 3 1.74 -3.20 6.74
N PRO A 4 0.85 -4.12 7.17
CA PRO A 4 0.58 -5.40 6.47
C PRO A 4 0.09 -5.26 5.02
N CYS A 5 -0.26 -6.39 4.42
CA CYS A 5 -0.68 -6.47 3.01
C CYS A 5 -2.19 -6.43 2.82
N GLN A 6 -2.58 -6.41 1.54
CA GLN A 6 -3.95 -6.11 1.13
C GLN A 6 -4.25 -4.66 1.44
N SER A 7 -3.53 -3.78 0.73
CA SER A 7 -3.59 -2.33 0.96
C SER A 7 -5.03 -1.85 1.05
N ASP A 8 -5.88 -2.46 0.23
CA ASP A 8 -7.30 -2.13 0.18
C ASP A 8 -7.94 -2.17 1.57
N LYS A 9 -7.82 -3.31 2.25
CA LYS A 9 -8.37 -3.46 3.61
C LYS A 9 -7.44 -2.81 4.64
N ASP A 10 -6.13 -3.01 4.48
CA ASP A 10 -5.16 -2.66 5.50
C ASP A 10 -4.95 -1.16 5.62
N CYS A 11 -4.57 -0.49 4.54
CA CYS A 11 -4.31 0.93 4.62
C CYS A 11 -5.61 1.68 4.36
N LYS A 12 -5.80 2.84 4.99
CA LYS A 12 -7.14 3.42 5.05
C LYS A 12 -7.63 3.97 3.71
N LYS A 13 -6.87 4.91 3.16
CA LYS A 13 -7.17 5.53 1.87
C LYS A 13 -5.94 5.47 0.96
N PHE A 14 -5.03 4.54 1.23
CA PHE A 14 -3.60 4.74 0.92
C PHE A 14 -3.38 5.45 -0.41
N ALA A 15 -3.16 6.76 -0.30
CA ALA A 15 -2.86 7.64 -1.43
C ALA A 15 -1.36 7.91 -1.50
N CYS A 16 -0.83 8.07 -2.71
CA CYS A 16 0.58 8.37 -2.91
C CYS A 16 0.80 9.22 -4.15
N ARG A 17 1.97 9.84 -4.24
CA ARG A 17 2.30 10.76 -5.32
C ARG A 17 2.36 10.03 -6.67
N LYS A 18 1.44 10.40 -7.57
CA LYS A 18 1.35 9.78 -8.88
C LYS A 18 2.50 10.23 -9.79
N PRO A 19 2.88 9.42 -10.80
CA PRO A 19 2.24 8.13 -11.11
C PRO A 19 2.72 6.99 -10.18
N LYS A 20 1.81 6.50 -9.36
CA LYS A 20 2.13 5.48 -8.36
C LYS A 20 0.86 4.77 -7.93
N VAL A 21 0.97 3.51 -7.52
CA VAL A 21 -0.20 2.71 -7.15
C VAL A 21 0.03 1.97 -5.84
N PRO A 22 -1.01 1.87 -4.99
CA PRO A 22 -0.95 1.12 -3.73
C PRO A 22 -0.97 -0.39 -3.97
N LYS A 23 0.18 -1.04 -3.79
CA LYS A 23 0.30 -2.48 -4.02
C LYS A 23 0.84 -3.16 -2.77
N CYS A 24 0.75 -4.48 -2.73
CA CYS A 24 1.25 -5.25 -1.61
C CYS A 24 2.67 -5.71 -1.89
N ILE A 25 3.53 -5.61 -0.87
CA ILE A 25 4.92 -6.04 -0.99
C ILE A 25 5.26 -7.00 0.15
N ASN A 26 5.32 -8.29 -0.19
CA ASN A 26 5.81 -9.33 0.72
C ASN A 26 5.10 -9.32 2.06
N GLY A 27 3.77 -9.17 2.04
CA GLY A 27 2.99 -9.19 3.27
C GLY A 27 2.70 -7.81 3.83
N PHE A 28 3.22 -6.78 3.14
CA PHE A 28 3.09 -5.38 3.56
C PHE A 28 2.29 -4.53 2.54
N CYS A 29 2.00 -3.28 2.92
CA CYS A 29 1.22 -2.33 2.10
C CYS A 29 2.10 -1.12 1.75
N LYS A 30 2.41 -0.97 0.46
CA LYS A 30 3.30 0.10 -0.01
C LYS A 30 2.87 0.58 -1.39
N CYS A 31 3.15 1.84 -1.69
CA CYS A 31 2.84 2.38 -3.00
C CYS A 31 4.10 2.36 -3.86
N VAL A 32 3.98 1.71 -5.01
CA VAL A 32 5.09 1.52 -5.93
C VAL A 32 4.57 1.71 -7.35
N ARG A 33 5.48 1.83 -8.31
CA ARG A 33 5.09 1.78 -9.72
C ARG A 33 4.77 0.33 -10.07
N ALA A 1 5.87 -1.26 14.64
CA ALA A 1 4.55 -1.50 14.03
C ALA A 1 4.68 -1.67 12.52
N THR A 2 3.83 -2.52 11.95
CA THR A 2 3.90 -2.84 10.52
C THR A 2 2.60 -2.43 9.81
N LYS A 3 2.69 -2.23 8.50
CA LYS A 3 1.50 -2.06 7.66
C LYS A 3 1.34 -3.35 6.84
N PRO A 4 0.52 -4.30 7.33
CA PRO A 4 0.30 -5.60 6.66
C PRO A 4 -0.13 -5.50 5.18
N CYS A 5 -0.31 -6.67 4.58
CA CYS A 5 -0.74 -6.80 3.18
C CYS A 5 -2.24 -6.99 3.05
N GLN A 6 -2.69 -7.10 1.81
CA GLN A 6 -4.09 -6.98 1.45
C GLN A 6 -4.53 -5.57 1.77
N SER A 7 -3.91 -4.61 1.08
CA SER A 7 -4.13 -3.19 1.29
C SER A 7 -5.61 -2.87 1.34
N ASP A 8 -6.39 -3.69 0.64
CA ASP A 8 -7.85 -3.59 0.65
C ASP A 8 -8.38 -3.46 2.07
N LYS A 9 -8.04 -4.42 2.93
CA LYS A 9 -8.41 -4.35 4.33
C LYS A 9 -7.49 -3.42 5.10
N ASP A 10 -6.19 -3.49 4.82
CA ASP A 10 -5.18 -2.88 5.67
C ASP A 10 -5.18 -1.36 5.60
N CYS A 11 -5.00 -0.78 4.42
CA CYS A 11 -4.95 0.67 4.34
C CYS A 11 -6.30 1.21 3.86
N LYS A 12 -6.71 2.40 4.32
CA LYS A 12 -8.07 2.88 4.03
C LYS A 12 -8.29 3.31 2.58
N LYS A 13 -7.49 4.30 2.19
CA LYS A 13 -7.53 4.88 0.84
C LYS A 13 -6.15 4.92 0.21
N PHE A 14 -5.22 4.12 0.73
CA PHE A 14 -3.79 4.48 0.69
C PHE A 14 -3.40 5.14 -0.63
N ALA A 15 -3.34 6.47 -0.58
CA ALA A 15 -2.99 7.30 -1.71
C ALA A 15 -1.54 7.72 -1.61
N CYS A 16 -0.89 7.84 -2.76
CA CYS A 16 0.53 8.14 -2.82
C CYS A 16 0.78 9.14 -3.94
N ARG A 17 1.96 9.74 -3.94
CA ARG A 17 2.27 10.79 -4.91
C ARG A 17 2.28 10.19 -6.31
N LYS A 18 1.16 10.41 -7.01
CA LYS A 18 0.93 9.84 -8.34
C LYS A 18 2.00 10.28 -9.34
N PRO A 19 2.26 9.46 -10.38
CA PRO A 19 1.58 8.17 -10.62
C PRO A 19 2.16 7.06 -9.75
N LYS A 20 1.34 6.50 -8.87
CA LYS A 20 1.80 5.49 -7.92
C LYS A 20 0.60 4.87 -7.21
N VAL A 21 0.58 3.53 -7.10
CA VAL A 21 -0.58 2.81 -6.56
C VAL A 21 -0.20 1.99 -5.33
N PRO A 22 -1.16 1.75 -4.41
CA PRO A 22 -0.94 0.93 -3.22
C PRO A 22 -0.84 -0.56 -3.56
N LYS A 23 0.37 -1.10 -3.55
CA LYS A 23 0.60 -2.51 -3.77
C LYS A 23 0.93 -3.20 -2.44
N CYS A 24 0.91 -4.52 -2.45
CA CYS A 24 1.37 -5.29 -1.31
C CYS A 24 2.83 -5.68 -1.50
N ILE A 25 3.66 -5.41 -0.50
CA ILE A 25 5.08 -5.72 -0.56
C ILE A 25 5.48 -6.68 0.56
N ASN A 26 5.69 -7.95 0.21
CA ASN A 26 6.22 -8.95 1.15
C ASN A 26 5.39 -9.03 2.43
N GLY A 27 4.07 -8.88 2.30
CA GLY A 27 3.18 -8.98 3.44
C GLY A 27 2.82 -7.62 4.02
N PHE A 28 3.25 -6.56 3.33
CA PHE A 28 3.05 -5.16 3.76
C PHE A 28 2.18 -4.36 2.76
N CYS A 29 1.83 -3.12 3.16
CA CYS A 29 1.04 -2.19 2.33
C CYS A 29 1.90 -0.96 2.02
N LYS A 30 2.24 -0.80 0.75
CA LYS A 30 3.17 0.24 0.30
C LYS A 30 2.79 0.70 -1.11
N CYS A 31 3.12 1.94 -1.46
CA CYS A 31 2.76 2.48 -2.75
C CYS A 31 3.92 2.37 -3.75
N VAL A 32 3.65 1.67 -4.86
CA VAL A 32 4.61 1.50 -5.94
C VAL A 32 3.89 1.76 -7.26
N ARG A 33 4.64 2.09 -8.31
CA ARG A 33 4.03 2.39 -9.61
C ARG A 33 3.62 1.11 -10.32
N ALA A 1 3.45 2.91 12.67
CA ALA A 1 3.31 1.43 12.70
C ALA A 1 3.60 0.84 11.33
N THR A 2 3.86 -0.46 11.29
CA THR A 2 4.08 -1.17 10.04
C THR A 2 2.75 -1.62 9.44
N LYS A 3 2.55 -1.36 8.15
CA LYS A 3 1.34 -1.75 7.46
C LYS A 3 1.58 -3.06 6.71
N PRO A 4 0.94 -4.16 7.15
CA PRO A 4 1.05 -5.48 6.50
C PRO A 4 0.40 -5.53 5.11
N CYS A 5 0.17 -6.75 4.62
CA CYS A 5 -0.44 -6.97 3.31
C CYS A 5 -1.94 -7.18 3.42
N GLN A 6 -2.56 -7.50 2.28
CA GLN A 6 -4.01 -7.41 2.10
C GLN A 6 -4.37 -5.94 2.02
N SER A 7 -3.51 -5.19 1.30
CA SER A 7 -3.55 -3.72 1.22
C SER A 7 -4.96 -3.19 1.03
N ASP A 8 -5.78 -3.95 0.28
CA ASP A 8 -7.18 -3.60 0.06
C ASP A 8 -7.87 -3.26 1.38
N LYS A 9 -7.81 -4.20 2.33
CA LYS A 9 -8.30 -3.94 3.68
C LYS A 9 -7.26 -3.13 4.48
N ASP A 10 -5.98 -3.40 4.21
CA ASP A 10 -4.91 -2.96 5.09
C ASP A 10 -4.76 -1.44 5.13
N CYS A 11 -4.56 -0.78 3.98
CA CYS A 11 -4.62 0.68 3.99
C CYS A 11 -5.73 1.13 3.04
N LYS A 12 -6.41 2.24 3.37
CA LYS A 12 -7.42 2.79 2.47
C LYS A 12 -6.82 3.48 1.25
N LYS A 13 -5.98 4.48 1.54
CA LYS A 13 -5.48 5.41 0.53
C LYS A 13 -3.95 5.51 0.56
N PHE A 14 -3.26 4.48 1.05
CA PHE A 14 -1.83 4.60 1.40
C PHE A 14 -1.07 5.46 0.38
N ALA A 15 -0.87 6.73 0.76
CA ALA A 15 -0.55 7.80 -0.17
C ALA A 15 0.92 7.83 -0.59
N CYS A 16 1.13 8.10 -1.88
CA CYS A 16 2.43 8.32 -2.48
C CYS A 16 2.29 9.29 -3.64
N ARG A 17 3.42 9.84 -4.11
CA ARG A 17 3.40 10.79 -5.23
C ARG A 17 2.93 10.10 -6.51
N LYS A 18 1.83 10.62 -7.06
CA LYS A 18 1.24 10.09 -8.27
C LYS A 18 2.10 10.42 -9.50
N PRO A 19 1.97 9.66 -10.61
CA PRO A 19 1.09 8.48 -10.69
C PRO A 19 1.67 7.27 -9.94
N LYS A 20 0.91 6.80 -8.96
CA LYS A 20 1.31 5.67 -8.11
C LYS A 20 0.10 5.21 -7.30
N VAL A 21 0.07 3.92 -6.96
CA VAL A 21 -1.13 3.31 -6.36
C VAL A 21 -0.76 2.42 -5.16
N PRO A 22 -1.69 2.26 -4.18
CA PRO A 22 -1.46 1.38 -3.03
C PRO A 22 -1.45 -0.10 -3.44
N LYS A 23 -0.40 -0.81 -3.05
CA LYS A 23 -0.19 -2.21 -3.42
C LYS A 23 0.48 -2.95 -2.27
N CYS A 24 0.51 -4.27 -2.35
CA CYS A 24 1.19 -5.07 -1.35
C CYS A 24 2.62 -5.38 -1.78
N ILE A 25 3.55 -5.31 -0.83
CA ILE A 25 4.94 -5.67 -1.05
C ILE A 25 5.38 -6.70 0.00
N ASN A 26 5.40 -7.96 -0.41
CA ASN A 26 5.96 -9.05 0.39
C ASN A 26 5.44 -9.04 1.83
N GLY A 27 4.12 -8.98 1.98
CA GLY A 27 3.51 -9.04 3.30
C GLY A 27 3.23 -7.67 3.89
N PHE A 28 3.61 -6.61 3.16
CA PHE A 28 3.43 -5.22 3.60
C PHE A 28 2.52 -4.42 2.65
N CYS A 29 2.21 -3.18 3.05
CA CYS A 29 1.35 -2.27 2.28
C CYS A 29 2.18 -1.04 1.91
N LYS A 30 2.39 -0.88 0.61
CA LYS A 30 3.25 0.18 0.08
C LYS A 30 2.68 0.65 -1.26
N CYS A 31 2.96 1.89 -1.64
CA CYS A 31 2.45 2.42 -2.90
C CYS A 31 3.50 2.28 -3.99
N VAL A 32 3.09 1.67 -5.10
CA VAL A 32 3.97 1.30 -6.18
C VAL A 32 3.30 1.62 -7.52
N ARG A 33 4.06 1.59 -8.60
CA ARG A 33 3.50 1.78 -9.93
C ARG A 33 3.56 0.46 -10.70
N ALA A 1 3.34 1.63 14.18
CA ALA A 1 2.79 0.36 13.65
C ALA A 1 3.20 0.18 12.20
N THR A 2 3.59 -1.03 11.84
CA THR A 2 3.99 -1.35 10.47
C THR A 2 2.77 -1.49 9.57
N LYS A 3 2.95 -1.19 8.28
CA LYS A 3 1.89 -1.35 7.29
C LYS A 3 2.07 -2.69 6.58
N PRO A 4 1.27 -3.70 6.94
CA PRO A 4 1.38 -5.05 6.39
C PRO A 4 0.62 -5.22 5.07
N CYS A 5 0.36 -6.47 4.70
CA CYS A 5 -0.35 -6.77 3.46
C CYS A 5 -1.84 -6.97 3.71
N GLN A 6 -2.57 -7.36 2.65
CA GLN A 6 -4.01 -7.18 2.58
C GLN A 6 -4.27 -5.67 2.45
N SER A 7 -3.28 -4.99 1.87
CA SER A 7 -3.21 -3.54 1.81
C SER A 7 -4.51 -2.90 1.33
N ASP A 8 -5.25 -3.63 0.50
CA ASP A 8 -6.55 -3.17 0.02
C ASP A 8 -7.44 -2.81 1.21
N LYS A 9 -7.63 -3.76 2.10
CA LYS A 9 -8.39 -3.54 3.34
C LYS A 9 -7.53 -2.83 4.40
N ASP A 10 -6.22 -3.08 4.37
CA ASP A 10 -5.34 -2.63 5.44
C ASP A 10 -5.13 -1.12 5.44
N CYS A 11 -4.63 -0.56 4.34
CA CYS A 11 -4.41 0.88 4.30
C CYS A 11 -5.70 1.55 3.82
N LYS A 12 -5.95 2.77 4.30
CA LYS A 12 -7.31 3.32 4.19
C LYS A 12 -7.70 3.70 2.76
N LYS A 13 -6.90 4.60 2.18
CA LYS A 13 -7.07 5.06 0.81
C LYS A 13 -5.76 4.94 0.05
N PHE A 14 -4.88 4.04 0.49
CA PHE A 14 -3.43 4.28 0.39
C PHE A 14 -3.05 4.98 -0.91
N ALA A 15 -2.90 6.30 -0.79
CA ALA A 15 -2.56 7.20 -1.88
C ALA A 15 -1.08 7.55 -1.83
N CYS A 16 -0.49 7.74 -3.00
CA CYS A 16 0.89 8.19 -3.10
C CYS A 16 1.05 9.15 -4.28
N ARG A 17 2.15 9.88 -4.30
CA ARG A 17 2.38 10.89 -5.33
C ARG A 17 2.50 10.25 -6.70
N LYS A 18 1.41 10.30 -7.46
CA LYS A 18 1.36 9.74 -8.80
C LYS A 18 2.41 10.39 -9.71
N PRO A 19 2.97 9.64 -10.69
CA PRO A 19 2.59 8.23 -10.97
C PRO A 19 3.01 7.26 -9.86
N LYS A 20 2.02 6.59 -9.28
CA LYS A 20 2.24 5.62 -8.22
C LYS A 20 0.90 5.01 -7.80
N VAL A 21 0.89 3.71 -7.51
CA VAL A 21 -0.33 2.99 -7.14
C VAL A 21 -0.11 2.12 -5.90
N PRO A 22 -1.14 1.95 -5.06
CA PRO A 22 -1.05 1.13 -3.85
C PRO A 22 -1.00 -0.37 -4.17
N LYS A 23 -0.03 -1.06 -3.58
CA LYS A 23 0.15 -2.50 -3.79
C LYS A 23 0.69 -3.15 -2.52
N CYS A 24 0.65 -4.48 -2.47
CA CYS A 24 1.27 -5.22 -1.39
C CYS A 24 2.68 -5.63 -1.79
N ILE A 25 3.63 -5.42 -0.89
CA ILE A 25 5.02 -5.77 -1.14
C ILE A 25 5.53 -6.67 -0.02
N ASN A 26 5.67 -7.96 -0.32
CA ASN A 26 6.31 -8.93 0.58
C ASN A 26 5.65 -8.97 1.96
N GLY A 27 4.33 -8.79 2.00
CA GLY A 27 3.60 -8.84 3.25
C GLY A 27 3.36 -7.47 3.86
N PHE A 28 3.73 -6.43 3.11
CA PHE A 28 3.62 -5.03 3.53
C PHE A 28 2.71 -4.23 2.59
N CYS A 29 2.44 -2.98 2.96
CA CYS A 29 1.56 -2.09 2.18
C CYS A 29 2.41 -0.91 1.72
N LYS A 30 2.58 -0.81 0.40
CA LYS A 30 3.53 0.11 -0.20
C LYS A 30 3.04 0.50 -1.60
N CYS A 31 3.44 1.66 -2.08
CA CYS A 31 3.03 2.13 -3.40
C CYS A 31 4.17 1.98 -4.41
N VAL A 32 3.85 1.40 -5.55
CA VAL A 32 4.83 1.18 -6.62
C VAL A 32 4.48 2.06 -7.82
N ARG A 33 5.48 2.37 -8.65
CA ARG A 33 5.27 3.21 -9.83
C ARG A 33 4.34 2.51 -10.82
N ALA A 1 5.29 -6.95 11.18
CA ALA A 1 4.83 -6.12 10.05
C ALA A 1 4.04 -4.91 10.53
N THR A 2 4.71 -3.76 10.60
CA THR A 2 4.08 -2.50 10.98
C THR A 2 2.84 -2.22 10.12
N LYS A 3 2.96 -2.56 8.84
CA LYS A 3 1.85 -2.44 7.89
C LYS A 3 1.88 -3.62 6.92
N PRO A 4 1.02 -4.64 7.17
CA PRO A 4 1.04 -5.90 6.43
C PRO A 4 0.37 -5.85 5.05
N CYS A 5 0.12 -7.03 4.50
CA CYS A 5 -0.43 -7.18 3.15
C CYS A 5 -1.95 -7.34 3.17
N GLN A 6 -2.51 -7.57 1.98
CA GLN A 6 -3.95 -7.44 1.74
C GLN A 6 -4.29 -5.96 1.85
N SER A 7 -3.48 -5.16 1.15
CA SER A 7 -3.50 -3.70 1.22
C SER A 7 -4.91 -3.13 1.10
N ASP A 8 -5.74 -3.74 0.26
CA ASP A 8 -7.12 -3.28 0.06
C ASP A 8 -7.84 -3.15 1.40
N LYS A 9 -7.83 -4.22 2.18
CA LYS A 9 -8.42 -4.20 3.52
C LYS A 9 -7.50 -3.52 4.54
N ASP A 10 -6.18 -3.59 4.30
CA ASP A 10 -5.21 -3.19 5.33
C ASP A 10 -5.07 -1.67 5.44
N CYS A 11 -4.70 -1.00 4.35
CA CYS A 11 -4.56 0.45 4.42
C CYS A 11 -5.84 1.08 3.85
N LYS A 12 -6.23 2.25 4.37
CA LYS A 12 -7.50 2.85 3.96
C LYS A 12 -7.45 3.44 2.55
N LYS A 13 -6.52 4.37 2.36
CA LYS A 13 -6.39 5.08 1.09
C LYS A 13 -4.95 5.04 0.57
N PHE A 14 -4.09 4.24 1.20
CA PHE A 14 -2.64 4.53 1.25
C PHE A 14 -2.14 5.14 -0.07
N ALA A 15 -2.05 6.47 -0.05
CA ALA A 15 -1.81 7.27 -1.25
C ALA A 15 -0.36 7.71 -1.37
N CYS A 16 0.09 7.82 -2.61
CA CYS A 16 1.44 8.29 -2.93
C CYS A 16 1.41 9.10 -4.22
N ARG A 17 2.48 9.85 -4.48
CA ARG A 17 2.46 10.85 -5.53
C ARG A 17 2.26 10.22 -6.91
N LYS A 18 1.10 10.52 -7.49
CA LYS A 18 0.70 10.01 -8.80
C LYS A 18 1.74 10.36 -9.87
N PRO A 19 2.00 9.45 -10.82
CA PRO A 19 1.36 8.12 -10.87
C PRO A 19 1.98 7.15 -9.86
N LYS A 20 1.15 6.63 -8.95
CA LYS A 20 1.59 5.64 -7.96
C LYS A 20 0.37 5.13 -7.19
N VAL A 21 0.38 3.84 -6.86
CA VAL A 21 -0.80 3.18 -6.26
C VAL A 21 -0.39 2.30 -5.08
N PRO A 22 -1.30 2.08 -4.12
CA PRO A 22 -1.07 1.15 -3.00
C PRO A 22 -0.98 -0.30 -3.51
N LYS A 23 -0.05 -1.05 -2.96
CA LYS A 23 0.20 -2.43 -3.39
C LYS A 23 0.84 -3.22 -2.24
N CYS A 24 0.88 -4.54 -2.37
CA CYS A 24 1.50 -5.37 -1.34
C CYS A 24 2.95 -5.65 -1.68
N ILE A 25 3.78 -5.73 -0.63
CA ILE A 25 5.19 -6.07 -0.78
C ILE A 25 5.56 -7.21 0.16
N ASN A 26 5.46 -8.43 -0.35
CA ASN A 26 5.92 -9.63 0.36
C ASN A 26 5.36 -9.73 1.78
N GLY A 27 4.13 -9.24 1.97
CA GLY A 27 3.49 -9.31 3.28
C GLY A 27 3.20 -7.94 3.88
N PHE A 28 3.65 -6.88 3.20
CA PHE A 28 3.49 -5.49 3.67
C PHE A 28 2.58 -4.67 2.75
N CYS A 29 2.27 -3.43 3.18
CA CYS A 29 1.43 -2.49 2.42
C CYS A 29 2.28 -1.25 2.08
N LYS A 30 2.53 -1.06 0.78
CA LYS A 30 3.41 -0.01 0.28
C LYS A 30 2.94 0.41 -1.10
N CYS A 31 3.27 1.63 -1.51
CA CYS A 31 2.84 2.14 -2.78
C CYS A 31 3.93 1.93 -3.82
N VAL A 32 3.51 1.49 -5.00
CA VAL A 32 4.41 1.13 -6.08
C VAL A 32 3.85 1.65 -7.40
N ARG A 33 4.67 1.64 -8.45
CA ARG A 33 4.22 2.01 -9.78
C ARG A 33 5.01 1.20 -10.82
N ALA A 1 5.01 0.10 14.45
CA ALA A 1 3.87 0.31 13.53
C ALA A 1 4.29 0.01 12.10
N THR A 2 3.68 -1.02 11.52
CA THR A 2 3.95 -1.42 10.14
C THR A 2 2.65 -1.76 9.42
N LYS A 3 2.62 -1.56 8.11
CA LYS A 3 1.45 -1.87 7.30
C LYS A 3 1.70 -3.17 6.53
N PRO A 4 1.04 -4.27 6.95
CA PRO A 4 1.15 -5.57 6.27
C PRO A 4 0.46 -5.60 4.89
N CYS A 5 0.13 -6.79 4.43
CA CYS A 5 -0.51 -6.99 3.13
C CYS A 5 -2.03 -7.06 3.27
N GLN A 6 -2.70 -7.35 2.15
CA GLN A 6 -4.11 -6.99 1.97
C GLN A 6 -4.19 -5.48 1.90
N SER A 7 -3.16 -4.89 1.27
CA SER A 7 -2.90 -3.45 1.29
C SER A 7 -4.14 -2.60 1.05
N ASP A 8 -4.99 -3.02 0.13
CA ASP A 8 -6.20 -2.30 -0.22
C ASP A 8 -7.14 -2.23 0.99
N LYS A 9 -7.20 -3.32 1.74
CA LYS A 9 -7.98 -3.37 2.98
C LYS A 9 -7.20 -2.71 4.12
N ASP A 10 -5.90 -3.00 4.14
CA ASP A 10 -5.03 -2.68 5.27
C ASP A 10 -4.81 -1.18 5.44
N CYS A 11 -4.33 -0.52 4.39
CA CYS A 11 -4.01 0.90 4.50
C CYS A 11 -5.26 1.72 4.15
N LYS A 12 -5.40 2.90 4.76
CA LYS A 12 -6.70 3.57 4.77
C LYS A 12 -7.13 4.11 3.40
N LYS A 13 -6.31 4.98 2.83
CA LYS A 13 -6.49 5.48 1.47
C LYS A 13 -5.21 5.33 0.67
N PHE A 14 -4.29 4.49 1.13
CA PHE A 14 -2.86 4.73 0.94
C PHE A 14 -2.56 5.33 -0.43
N ALA A 15 -2.43 6.65 -0.42
CA ALA A 15 -2.16 7.44 -1.60
C ALA A 15 -0.70 7.82 -1.69
N CYS A 16 -0.21 7.92 -2.91
CA CYS A 16 1.13 8.42 -3.19
C CYS A 16 1.08 9.21 -4.49
N ARG A 17 2.07 10.07 -4.73
CA ARG A 17 2.08 10.90 -5.93
C ARG A 17 2.22 10.02 -7.17
N LYS A 18 1.08 9.78 -7.82
CA LYS A 18 1.02 8.93 -9.00
C LYS A 18 1.91 9.49 -10.11
N PRO A 19 2.51 8.62 -10.96
CA PRO A 19 2.30 7.16 -10.96
C PRO A 19 2.77 6.46 -9.67
N LYS A 20 1.81 5.89 -8.95
CA LYS A 20 2.05 5.12 -7.72
C LYS A 20 0.71 4.67 -7.14
N VAL A 21 0.67 3.42 -6.68
CA VAL A 21 -0.55 2.80 -6.14
C VAL A 21 -0.19 1.85 -5.00
N PRO A 22 -1.10 1.69 -4.01
CA PRO A 22 -0.86 0.83 -2.84
C PRO A 22 -0.84 -0.66 -3.21
N LYS A 23 0.36 -1.17 -3.48
CA LYS A 23 0.57 -2.59 -3.76
C LYS A 23 1.06 -3.31 -2.51
N CYS A 24 1.03 -4.64 -2.57
CA CYS A 24 1.54 -5.46 -1.49
C CYS A 24 2.96 -5.91 -1.79
N ILE A 25 3.90 -5.51 -0.92
CA ILE A 25 5.30 -5.88 -1.07
C ILE A 25 5.74 -6.77 0.09
N ASN A 26 6.00 -8.04 -0.20
CA ASN A 26 6.57 -8.98 0.77
C ASN A 26 5.68 -9.10 2.02
N GLY A 27 4.37 -8.99 1.83
CA GLY A 27 3.44 -9.11 2.95
C GLY A 27 3.19 -7.79 3.64
N PHE A 28 3.63 -6.71 3.00
CA PHE A 28 3.52 -5.34 3.50
C PHE A 28 2.79 -4.44 2.50
N CYS A 29 2.53 -3.20 2.90
CA CYS A 29 1.72 -2.26 2.11
C CYS A 29 2.59 -1.05 1.72
N LYS A 30 2.83 -0.91 0.43
CA LYS A 30 3.73 0.11 -0.13
C LYS A 30 3.18 0.61 -1.46
N CYS A 31 3.52 1.82 -1.84
CA CYS A 31 3.08 2.37 -3.11
C CYS A 31 4.15 2.21 -4.18
N VAL A 32 3.78 1.54 -5.27
CA VAL A 32 4.66 1.33 -6.40
C VAL A 32 3.96 1.81 -7.67
N ARG A 33 4.74 2.12 -8.71
CA ARG A 33 4.20 2.68 -9.96
C ARG A 33 3.01 1.85 -10.49
N ALA A 1 2.28 -2.07 15.28
CA ALA A 1 1.43 -1.38 14.29
C ALA A 1 2.20 -1.15 12.99
N THR A 2 1.97 -2.02 12.01
CA THR A 2 2.62 -1.93 10.72
C THR A 2 1.59 -1.92 9.61
N LYS A 3 2.04 -1.71 8.37
CA LYS A 3 1.16 -1.75 7.20
C LYS A 3 1.42 -3.04 6.42
N PRO A 4 0.61 -4.08 6.66
CA PRO A 4 0.71 -5.38 5.96
C PRO A 4 0.09 -5.36 4.55
N CYS A 5 -0.29 -6.55 4.08
CA CYS A 5 -0.86 -6.72 2.74
C CYS A 5 -2.39 -6.71 2.78
N GLN A 6 -3.00 -6.99 1.61
CA GLN A 6 -4.39 -6.59 1.33
C GLN A 6 -4.40 -5.07 1.21
N SER A 7 -3.24 -4.55 0.81
CA SER A 7 -2.87 -3.14 0.90
C SER A 7 -4.01 -2.18 0.58
N ASP A 8 -4.80 -2.48 -0.43
CA ASP A 8 -5.88 -1.63 -0.86
C ASP A 8 -6.87 -1.36 0.29
N LYS A 9 -7.42 -2.42 0.86
CA LYS A 9 -8.28 -2.30 2.03
C LYS A 9 -7.46 -2.12 3.30
N ASP A 10 -6.24 -2.67 3.28
CA ASP A 10 -5.38 -2.72 4.47
C ASP A 10 -5.08 -1.32 4.98
N CYS A 11 -4.51 -0.48 4.13
CA CYS A 11 -4.26 0.88 4.55
C CYS A 11 -5.51 1.70 4.24
N LYS A 12 -5.80 2.71 5.05
CA LYS A 12 -7.10 3.38 4.98
C LYS A 12 -7.28 4.25 3.72
N LYS A 13 -6.38 5.20 3.56
CA LYS A 13 -6.45 6.17 2.47
C LYS A 13 -5.15 6.22 1.67
N PHE A 14 -4.28 5.23 1.87
CA PHE A 14 -2.86 5.33 1.49
C PHE A 14 -2.69 6.07 0.16
N ALA A 15 -2.37 7.36 0.28
CA ALA A 15 -2.26 8.25 -0.87
C ALA A 15 -0.81 8.46 -1.28
N CYS A 16 -0.57 8.44 -2.58
CA CYS A 16 0.75 8.71 -3.14
C CYS A 16 0.58 9.36 -4.51
N ARG A 17 1.49 10.28 -4.85
CA ARG A 17 1.37 11.06 -6.08
C ARG A 17 1.48 10.17 -7.31
N LYS A 18 0.33 9.92 -7.94
CA LYS A 18 0.26 9.08 -9.13
C LYS A 18 1.12 9.66 -10.27
N PRO A 19 1.69 8.82 -11.16
CA PRO A 19 1.49 7.35 -11.16
C PRO A 19 2.24 6.65 -10.01
N LYS A 20 1.46 6.09 -9.08
CA LYS A 20 1.98 5.39 -7.92
C LYS A 20 0.79 4.81 -7.16
N VAL A 21 0.81 3.50 -6.93
CA VAL A 21 -0.35 2.79 -6.39
C VAL A 21 0.05 1.89 -5.22
N PRO A 22 -0.88 1.63 -4.27
CA PRO A 22 -0.62 0.77 -3.11
C PRO A 22 -0.33 -0.68 -3.52
N LYS A 23 0.94 -0.99 -3.65
CA LYS A 23 1.42 -2.34 -3.92
C LYS A 23 1.61 -3.10 -2.61
N CYS A 24 1.47 -4.42 -2.69
CA CYS A 24 1.76 -5.28 -1.57
C CYS A 24 3.19 -5.80 -1.68
N ILE A 25 4.05 -5.34 -0.77
CA ILE A 25 5.46 -5.72 -0.77
C ILE A 25 5.72 -6.76 0.32
N ASN A 26 5.90 -8.01 -0.09
CA ASN A 26 6.23 -9.11 0.83
C ASN A 26 5.23 -9.23 1.97
N GLY A 27 3.97 -8.90 1.69
CA GLY A 27 2.93 -8.99 2.71
C GLY A 27 2.74 -7.67 3.45
N PHE A 28 3.30 -6.60 2.89
CA PHE A 28 3.22 -5.25 3.45
C PHE A 28 2.55 -4.27 2.46
N CYS A 29 2.30 -3.04 2.92
CA CYS A 29 1.55 -2.02 2.16
C CYS A 29 2.44 -0.83 1.90
N LYS A 30 2.75 -0.60 0.61
CA LYS A 30 3.62 0.50 0.17
C LYS A 30 3.21 0.91 -1.23
N CYS A 31 3.43 2.16 -1.61
CA CYS A 31 3.01 2.62 -2.93
C CYS A 31 4.17 2.55 -3.92
N VAL A 32 3.91 1.88 -5.05
CA VAL A 32 4.94 1.58 -6.03
C VAL A 32 4.40 1.86 -7.44
N ARG A 33 5.31 2.14 -8.36
CA ARG A 33 4.97 2.27 -9.78
C ARG A 33 4.83 0.88 -10.40
N ALA A 1 2.25 -0.89 15.50
CA ALA A 1 2.16 -1.88 14.41
C ALA A 1 2.59 -1.25 13.08
N THR A 2 2.78 -2.09 12.06
CA THR A 2 3.18 -1.61 10.74
C THR A 2 2.03 -1.80 9.74
N LYS A 3 2.30 -1.58 8.46
CA LYS A 3 1.31 -1.78 7.40
C LYS A 3 1.59 -3.10 6.66
N PRO A 4 0.79 -4.15 6.95
CA PRO A 4 0.93 -5.46 6.30
C PRO A 4 0.22 -5.55 4.94
N CYS A 5 0.01 -6.78 4.46
CA CYS A 5 -0.59 -7.02 3.14
C CYS A 5 -2.09 -7.26 3.25
N GLN A 6 -2.71 -7.52 2.09
CA GLN A 6 -4.15 -7.37 1.91
C GLN A 6 -4.45 -5.87 1.98
N SER A 7 -3.45 -5.10 1.54
CA SER A 7 -3.43 -3.64 1.64
C SER A 7 -4.75 -3.01 1.19
N ASP A 8 -5.36 -3.59 0.15
CA ASP A 8 -6.66 -3.13 -0.34
C ASP A 8 -7.64 -3.00 0.81
N LYS A 9 -7.69 -4.03 1.64
CA LYS A 9 -8.48 -4.01 2.86
C LYS A 9 -7.75 -3.21 3.94
N ASP A 10 -6.46 -3.49 4.05
CA ASP A 10 -5.67 -3.14 5.22
C ASP A 10 -5.53 -1.64 5.44
N CYS A 11 -4.98 -0.89 4.48
CA CYS A 11 -4.68 0.50 4.77
C CYS A 11 -5.91 1.35 4.47
N LYS A 12 -6.09 2.43 5.24
CA LYS A 12 -7.33 3.21 5.16
C LYS A 12 -7.48 4.00 3.88
N LYS A 13 -6.51 4.88 3.64
CA LYS A 13 -6.58 5.84 2.54
C LYS A 13 -5.34 5.78 1.66
N PHE A 14 -4.39 4.91 2.03
CA PHE A 14 -2.97 5.11 1.67
C PHE A 14 -2.80 5.67 0.26
N ALA A 15 -2.62 6.99 0.19
CA ALA A 15 -2.43 7.72 -1.06
C ALA A 15 -0.96 8.02 -1.29
N CYS A 16 -0.55 8.04 -2.55
CA CYS A 16 0.81 8.38 -2.93
C CYS A 16 0.81 9.12 -4.26
N ARG A 17 1.83 9.93 -4.50
CA ARG A 17 1.88 10.79 -5.68
C ARG A 17 2.03 9.97 -6.95
N LYS A 18 1.01 10.02 -7.80
CA LYS A 18 0.98 9.27 -9.06
C LYS A 18 2.02 9.83 -10.04
N PRO A 19 2.60 8.97 -10.92
CA PRO A 19 2.28 7.53 -11.00
C PRO A 19 2.84 6.73 -9.81
N LYS A 20 1.92 6.14 -9.05
CA LYS A 20 2.25 5.37 -7.85
C LYS A 20 0.96 4.87 -7.22
N VAL A 21 0.86 3.56 -7.02
CA VAL A 21 -0.38 2.95 -6.53
C VAL A 21 -0.12 2.05 -5.32
N PRO A 22 -1.09 1.96 -4.40
CA PRO A 22 -0.99 1.11 -3.20
C PRO A 22 -1.00 -0.38 -3.56
N LYS A 23 0.13 -1.04 -3.30
CA LYS A 23 0.30 -2.45 -3.61
C LYS A 23 0.74 -3.22 -2.38
N CYS A 24 0.66 -4.55 -2.45
CA CYS A 24 1.17 -5.41 -1.41
C CYS A 24 2.62 -5.81 -1.71
N ILE A 25 3.51 -5.56 -0.77
CA ILE A 25 4.92 -5.87 -0.94
C ILE A 25 5.36 -6.93 0.06
N ASN A 26 5.36 -8.18 -0.39
CA ASN A 26 5.89 -9.32 0.36
C ASN A 26 5.29 -9.40 1.76
N GLY A 27 4.02 -9.02 1.89
CA GLY A 27 3.33 -9.10 3.17
C GLY A 27 3.06 -7.74 3.79
N PHE A 28 3.47 -6.68 3.09
CA PHE A 28 3.33 -5.30 3.57
C PHE A 28 2.42 -4.46 2.67
N CYS A 29 2.12 -3.23 3.10
CA CYS A 29 1.26 -2.29 2.36
C CYS A 29 2.09 -1.06 2.01
N LYS A 30 2.31 -0.87 0.70
CA LYS A 30 3.29 0.09 0.22
C LYS A 30 2.96 0.50 -1.22
N CYS A 31 3.25 1.74 -1.58
CA CYS A 31 2.92 2.22 -2.91
C CYS A 31 4.13 2.12 -3.85
N VAL A 32 3.86 1.65 -5.07
CA VAL A 32 4.91 1.45 -6.07
C VAL A 32 4.57 2.25 -7.33
N ARG A 33 5.60 2.82 -7.96
CA ARG A 33 5.42 3.66 -9.14
C ARG A 33 4.71 2.89 -10.26
#